data_2PBJ
#
_entry.id   2PBJ
#
_cell.length_a   127.000
_cell.length_b   122.490
_cell.length_c   110.970
_cell.angle_alpha   90.00
_cell.angle_beta   111.00
_cell.angle_gamma   90.00
#
_symmetry.space_group_name_H-M   'C 1 2 1'
#
loop_
_entity.id
_entity.type
_entity.pdbx_description
1 polymer 'Prostaglandin E synthase 2'
2 non-polymer 'CHLORIDE ION'
3 non-polymer 'PROTOPORPHYRIN IX CONTAINING FE'
4 non-polymer GLUTATHIONE
5 water water
#
_entity_poly.entity_id   1
_entity_poly.type   'polypeptide(L)'
_entity_poly.pdbx_seq_one_letter_code
;ERSAVQLSLSSRLQLTLYQYKTCPFCSKVRAFLDFHALPYQVVEVNPVLRAEIKFSSYRKVPILVAQEGESSQQLNDSSV
IISALKTYLVSGQPLEEIITYYPAMKAVNDQGKEVTEFGNKYWLMLNEKEAQQVYSGKEARTEEMKWRQWADDWLVHLIS
PNVYRTPTEALASFDYIVREGKFGAVEGAVAKYMGAAAMYLISKRLKSRHRLQDNVREDLYEAADKWVAAVGKDRPFMGG
QKPNLADLAVYGVLRVMEGLDAFDDLMQHTHIQPWYLRVERAITEASPAH
;
_entity_poly.pdbx_strand_id   A,B,C,D
#
loop_
_chem_comp.id
_chem_comp.type
_chem_comp.name
_chem_comp.formula
CL non-polymer 'CHLORIDE ION' 'Cl -1'
GSH non-polymer GLUTATHIONE 'C10 H17 N3 O6 S'
HEM non-polymer 'PROTOPORPHYRIN IX CONTAINING FE' 'C34 H32 Fe N4 O4'
#
# COMPACT_ATOMS: atom_id res chain seq x y z
N LEU A 13 17.74 24.21 30.69
CA LEU A 13 16.54 23.78 29.89
C LEU A 13 16.24 24.80 28.78
N GLN A 14 16.88 24.59 27.63
CA GLN A 14 16.67 25.47 26.49
C GLN A 14 15.56 24.96 25.59
N LEU A 15 14.63 25.84 25.26
CA LEU A 15 13.51 25.47 24.40
C LEU A 15 13.53 26.22 23.08
N THR A 16 13.40 25.47 21.99
CA THR A 16 13.33 26.07 20.67
C THR A 16 11.98 25.62 20.12
N LEU A 17 11.16 26.57 19.70
CA LEU A 17 9.85 26.29 19.16
C LEU A 17 9.81 26.59 17.67
N TYR A 18 9.60 25.56 16.86
CA TYR A 18 9.51 25.77 15.41
C TYR A 18 8.04 26.01 15.18
N GLN A 19 7.68 27.10 14.52
CA GLN A 19 6.25 27.39 14.35
C GLN A 19 5.81 28.22 13.14
N TYR A 20 4.49 28.45 13.10
CA TYR A 20 3.86 29.30 12.12
C TYR A 20 3.14 30.18 13.13
N LYS A 21 3.64 31.40 13.34
CA LYS A 21 3.06 32.29 14.34
C LYS A 21 1.55 32.43 14.37
N THR A 22 0.95 32.67 13.20
CA THR A 22 -0.50 32.85 13.12
C THR A 22 -1.28 31.53 13.12
N CYS A 23 -0.57 30.41 13.31
CA CYS A 23 -1.20 29.09 13.33
C CYS A 23 -1.66 28.76 14.74
N PRO A 24 -2.96 28.48 14.92
CA PRO A 24 -3.51 28.15 16.24
C PRO A 24 -2.71 27.14 17.05
N PHE A 25 -2.27 26.07 16.40
CA PHE A 25 -1.54 25.05 17.11
C PHE A 25 -0.27 25.63 17.75
N CYS A 26 0.35 26.59 17.08
CA CYS A 26 1.56 27.21 17.61
C CYS A 26 1.17 28.27 18.63
N SER A 27 0.09 29.00 18.35
CA SER A 27 -0.35 30.01 19.30
C SER A 27 -0.62 29.33 20.62
N LYS A 28 -1.08 28.09 20.59
CA LYS A 28 -1.34 27.39 21.83
C LYS A 28 -0.04 27.15 22.61
N VAL A 29 1.00 26.71 21.91
CA VAL A 29 2.24 26.44 22.61
C VAL A 29 2.79 27.71 23.22
N ARG A 30 2.75 28.79 22.46
CA ARG A 30 3.25 30.07 22.96
C ARG A 30 2.45 30.55 24.18
N ALA A 31 1.14 30.40 24.13
CA ALA A 31 0.31 30.82 25.26
C ALA A 31 0.77 30.06 26.51
N PHE A 32 1.11 28.79 26.34
CA PHE A 32 1.55 27.96 27.46
C PHE A 32 2.93 28.38 27.96
N LEU A 33 3.89 28.51 27.04
CA LEU A 33 5.23 28.91 27.44
C LEU A 33 5.18 30.30 28.06
N ASP A 34 4.48 31.21 27.39
CA ASP A 34 4.36 32.57 27.88
C ASP A 34 3.83 32.59 29.30
N PHE A 35 2.75 31.86 29.55
CA PHE A 35 2.17 31.86 30.87
C PHE A 35 3.05 31.27 31.94
N HIS A 36 3.78 30.22 31.60
CA HIS A 36 4.66 29.60 32.57
C HIS A 36 6.03 30.21 32.52
N ALA A 37 6.07 31.45 32.05
CA ALA A 37 7.29 32.23 31.93
C ALA A 37 8.49 31.37 31.59
N LEU A 38 8.34 30.49 30.61
CA LEU A 38 9.45 29.64 30.22
C LEU A 38 10.20 30.32 29.10
N PRO A 39 11.52 30.46 29.26
CA PRO A 39 12.27 31.10 28.17
C PRO A 39 12.39 30.14 26.98
N TYR A 40 12.21 30.65 25.78
CA TYR A 40 12.31 29.82 24.59
C TYR A 40 12.65 30.67 23.37
N GLN A 41 13.20 30.04 22.35
CA GLN A 41 13.52 30.75 21.14
C GLN A 41 12.56 30.24 20.09
N VAL A 42 12.20 31.10 19.16
CA VAL A 42 11.29 30.64 18.13
C VAL A 42 11.96 30.73 16.79
N VAL A 43 11.78 29.70 15.98
CA VAL A 43 12.33 29.76 14.65
C VAL A 43 11.09 29.61 13.81
N GLU A 44 10.78 30.66 13.08
CA GLU A 44 9.63 30.72 12.20
C GLU A 44 9.85 29.78 11.01
N VAL A 45 8.90 28.91 10.75
CA VAL A 45 9.05 28.00 9.63
C VAL A 45 8.40 28.53 8.36
N ASN A 46 9.13 28.48 7.26
CA ASN A 46 8.63 28.92 5.97
C ASN A 46 7.56 27.90 5.56
N PRO A 47 6.28 28.28 5.60
CA PRO A 47 5.22 27.35 5.22
C PRO A 47 5.29 26.74 3.82
N VAL A 48 6.07 27.33 2.93
CA VAL A 48 6.15 26.78 1.58
C VAL A 48 7.27 25.76 1.46
N LEU A 49 8.48 26.14 1.81
CA LEU A 49 9.62 25.25 1.71
C LEU A 49 9.89 24.44 2.97
N ARG A 50 9.43 24.96 4.11
CA ARG A 50 9.60 24.27 5.39
C ARG A 50 11.02 23.77 5.69
N ALA A 51 12.02 24.40 5.11
CA ALA A 51 13.40 23.99 5.32
C ALA A 51 13.82 23.90 6.78
N GLU A 52 13.47 24.90 7.58
CA GLU A 52 13.86 24.90 8.98
C GLU A 52 13.35 23.72 9.78
N ILE A 53 12.50 22.92 9.16
CA ILE A 53 11.93 21.74 9.82
C ILE A 53 12.59 20.46 9.32
N LYS A 54 13.22 20.54 8.15
CA LYS A 54 13.93 19.41 7.58
C LYS A 54 15.05 19.00 8.53
N PHE A 55 14.73 18.06 9.41
CA PHE A 55 15.64 17.54 10.41
C PHE A 55 14.76 16.67 11.28
N SER A 56 13.46 16.93 11.17
CA SER A 56 12.45 16.22 11.91
C SER A 56 11.71 15.27 10.99
N SER A 57 11.56 14.04 11.44
CA SER A 57 10.83 13.05 10.68
C SER A 57 9.33 13.34 10.87
N TYR A 58 9.04 14.14 11.90
CA TYR A 58 7.67 14.55 12.19
C TYR A 58 7.45 15.79 11.32
N ARG A 59 6.52 15.66 10.37
CA ARG A 59 6.23 16.69 9.39
C ARG A 59 5.18 17.74 9.70
N LYS A 60 4.90 18.02 10.96
CA LYS A 60 3.89 19.03 11.25
C LYS A 60 4.47 20.04 12.21
N VAL A 61 4.02 21.30 12.11
CA VAL A 61 4.49 22.30 13.05
C VAL A 61 3.26 22.66 13.86
N PRO A 62 3.44 23.04 15.13
CA PRO A 62 4.69 23.16 15.88
C PRO A 62 5.45 21.89 16.30
N ILE A 63 6.75 22.09 16.53
CA ILE A 63 7.66 21.06 16.99
C ILE A 63 8.47 21.84 18.00
N LEU A 64 8.84 21.24 19.12
CA LEU A 64 9.64 21.97 20.09
C LEU A 64 10.72 21.06 20.65
N VAL A 65 11.99 21.40 20.42
CA VAL A 65 13.05 20.56 20.94
C VAL A 65 13.57 21.18 22.22
N ALA A 66 13.65 20.36 23.26
CA ALA A 66 14.14 20.81 24.54
C ALA A 66 15.57 20.30 24.73
N GLN A 67 16.44 21.16 25.24
CA GLN A 67 17.83 20.75 25.46
C GLN A 67 18.30 20.95 26.89
N GLU A 68 18.96 19.91 27.40
CA GLU A 68 19.52 19.92 28.75
C GLU A 68 21.01 19.70 28.52
N GLY A 69 21.70 20.76 28.11
CA GLY A 69 23.11 20.66 27.84
C GLY A 69 23.37 19.71 26.70
N GLU A 70 23.75 18.48 27.03
CA GLU A 70 24.05 17.46 26.03
C GLU A 70 22.79 16.74 25.52
N SER A 71 21.87 16.44 26.43
CA SER A 71 20.62 15.78 26.08
C SER A 71 19.70 16.71 25.30
N SER A 72 18.77 16.12 24.56
CA SER A 72 17.82 16.89 23.78
C SER A 72 16.74 15.98 23.21
N GLN A 73 15.49 16.29 23.52
CA GLN A 73 14.37 15.52 23.01
C GLN A 73 13.44 16.41 22.20
N GLN A 74 12.81 15.84 21.18
CA GLN A 74 11.90 16.57 20.32
C GLN A 74 10.44 16.27 20.71
N LEU A 75 9.68 17.29 21.12
CA LEU A 75 8.27 17.11 21.48
C LEU A 75 7.48 17.50 20.25
N ASN A 76 6.54 16.67 19.80
CA ASN A 76 5.80 16.96 18.57
C ASN A 76 4.40 17.56 18.53
N ASP A 77 3.36 16.85 18.94
CA ASP A 77 2.03 17.46 18.86
C ASP A 77 1.98 18.70 19.77
N SER A 78 1.20 19.71 19.39
CA SER A 78 1.09 20.94 20.20
C SER A 78 0.55 20.71 21.61
N SER A 79 -0.43 19.82 21.74
CA SER A 79 -1.00 19.53 23.05
C SER A 79 -0.03 18.61 23.80
N VAL A 80 0.71 17.77 23.05
CA VAL A 80 1.67 16.86 23.69
C VAL A 80 2.80 17.67 24.28
N ILE A 81 3.21 18.69 23.54
CA ILE A 81 4.27 19.56 23.99
C ILE A 81 3.83 20.18 25.30
N ILE A 82 2.65 20.78 25.27
CA ILE A 82 2.10 21.42 26.45
C ILE A 82 1.95 20.47 27.64
N SER A 83 1.52 19.24 27.37
CA SER A 83 1.32 18.27 28.43
C SER A 83 2.62 17.74 28.97
N ALA A 84 3.58 17.55 28.09
CA ALA A 84 4.88 17.05 28.51
C ALA A 84 5.53 18.11 29.41
N LEU A 85 5.74 19.30 28.86
CA LEU A 85 6.36 20.43 29.56
C LEU A 85 5.68 20.74 30.87
N LYS A 86 4.35 20.71 30.88
CA LYS A 86 3.60 20.99 32.09
C LYS A 86 3.87 19.96 33.19
N THR A 87 3.74 18.67 32.89
CA THR A 87 3.99 17.65 33.92
C THR A 87 5.45 17.77 34.31
N TYR A 88 6.28 18.21 33.36
CA TYR A 88 7.69 18.41 33.63
C TYR A 88 7.88 19.49 34.69
N LEU A 89 7.15 20.60 34.54
CA LEU A 89 7.27 21.69 35.49
C LEU A 89 6.81 21.31 36.89
N VAL A 90 5.90 20.34 37.01
CA VAL A 90 5.43 20.01 38.35
C VAL A 90 6.06 18.75 38.95
N SER A 91 6.36 17.76 38.13
CA SER A 91 6.95 16.53 38.67
C SER A 91 8.48 16.58 38.70
N GLY A 92 9.07 17.38 37.82
CA GLY A 92 10.52 17.45 37.81
C GLY A 92 11.10 16.21 37.16
N GLN A 93 10.27 15.22 36.87
CA GLN A 93 10.71 13.99 36.22
C GLN A 93 11.42 14.29 34.91
N PRO A 94 12.52 13.58 34.60
CA PRO A 94 13.24 13.85 33.35
C PRO A 94 12.37 13.80 32.10
N LEU A 95 12.39 14.90 31.35
CA LEU A 95 11.62 15.05 30.13
C LEU A 95 11.78 13.93 29.10
N GLU A 96 12.94 13.28 29.06
CA GLU A 96 13.16 12.20 28.09
C GLU A 96 12.28 11.01 28.42
N GLU A 97 11.86 10.91 29.67
CA GLU A 97 11.00 9.82 30.13
C GLU A 97 9.54 10.19 29.96
N ILE A 98 9.22 11.47 30.17
CA ILE A 98 7.84 11.94 30.06
C ILE A 98 7.25 11.85 28.65
N ILE A 99 8.02 12.22 27.62
CA ILE A 99 7.48 12.14 26.26
C ILE A 99 7.16 10.70 25.92
N THR A 100 7.64 9.80 26.77
CA THR A 100 7.42 8.38 26.60
C THR A 100 5.96 8.04 26.92
N TYR A 101 5.35 8.83 27.80
CA TYR A 101 3.96 8.61 28.19
C TYR A 101 2.95 9.21 27.20
N TYR A 102 3.44 9.73 26.09
CA TYR A 102 2.60 10.33 25.06
C TYR A 102 3.01 9.71 23.71
N PRO A 103 2.97 8.38 23.65
CA PRO A 103 3.33 7.61 22.46
C PRO A 103 2.67 8.06 21.17
N ALA A 104 3.43 8.03 20.08
CA ALA A 104 2.91 8.38 18.77
C ALA A 104 2.21 7.11 18.25
N MET A 105 0.91 7.18 18.06
CA MET A 105 0.15 6.02 17.60
C MET A 105 -0.18 6.09 16.13
N LYS A 106 0.56 5.31 15.35
CA LYS A 106 0.37 5.24 13.90
C LYS A 106 -0.82 4.32 13.66
N ALA A 107 -1.50 4.52 12.55
CA ALA A 107 -2.67 3.71 12.21
C ALA A 107 -3.06 4.05 10.80
N VAL A 108 -3.56 3.07 10.05
CA VAL A 108 -3.95 3.36 8.68
C VAL A 108 -5.40 3.79 8.59
N ASN A 109 -5.58 4.98 8.07
CA ASN A 109 -6.88 5.61 7.88
C ASN A 109 -7.87 4.66 7.22
N ASP A 110 -9.17 4.93 7.43
CA ASP A 110 -10.23 4.11 6.82
C ASP A 110 -10.23 4.44 5.33
N GLN A 111 -9.41 5.44 4.96
CA GLN A 111 -9.30 5.84 3.57
C GLN A 111 -7.94 5.38 3.06
N GLY A 112 -7.22 4.67 3.91
CA GLY A 112 -5.91 4.15 3.52
C GLY A 112 -4.73 5.06 3.78
N LYS A 113 -4.94 6.14 4.54
CA LYS A 113 -3.86 7.08 4.85
C LYS A 113 -3.23 6.86 6.22
N GLU A 114 -1.91 6.85 6.25
CA GLU A 114 -1.13 6.69 7.48
C GLU A 114 -1.34 7.91 8.37
N VAL A 115 -1.92 7.72 9.55
CA VAL A 115 -2.15 8.85 10.43
C VAL A 115 -1.59 8.58 11.82
N THR A 116 -1.09 9.64 12.44
CA THR A 116 -0.50 9.54 13.75
C THR A 116 -1.23 10.38 14.76
N GLU A 117 -1.65 9.75 15.85
CA GLU A 117 -2.34 10.46 16.90
C GLU A 117 -1.50 10.22 18.15
N PHE A 118 -1.53 11.15 19.08
CA PHE A 118 -0.73 10.99 20.27
C PHE A 118 -1.55 10.57 21.48
N GLY A 119 -1.22 9.39 22.01
CA GLY A 119 -1.93 8.89 23.16
C GLY A 119 -1.77 9.77 24.39
N ASN A 120 -2.78 9.75 25.26
CA ASN A 120 -2.79 10.51 26.49
C ASN A 120 -2.52 12.01 26.36
N LYS A 121 -2.47 12.50 25.13
CA LYS A 121 -2.17 13.89 24.81
C LYS A 121 -2.79 14.96 25.73
N TYR A 122 -3.96 14.71 26.28
CA TYR A 122 -4.59 15.70 27.16
C TYR A 122 -4.54 15.32 28.63
N TRP A 123 -3.60 14.46 29.00
CA TRP A 123 -3.52 14.04 30.38
C TRP A 123 -2.15 14.30 30.96
N LEU A 124 -2.10 15.05 32.06
CA LEU A 124 -0.82 15.33 32.70
C LEU A 124 -0.38 14.11 33.50
N MET A 125 0.85 13.66 33.26
CA MET A 125 1.39 12.49 33.97
C MET A 125 1.82 12.86 35.40
N LEU A 126 0.86 13.08 36.28
CA LEU A 126 1.12 13.49 37.65
C LEU A 126 0.68 12.46 38.68
N ASN A 127 1.25 12.53 39.88
CA ASN A 127 0.85 11.61 40.95
C ASN A 127 -0.12 12.36 41.86
N GLU A 128 -0.68 11.67 42.86
CA GLU A 128 -1.65 12.28 43.79
C GLU A 128 -1.23 13.67 44.29
N LYS A 129 -0.09 13.75 44.99
CA LYS A 129 0.36 15.05 45.50
C LYS A 129 0.33 16.09 44.39
N GLU A 130 1.14 15.85 43.36
CA GLU A 130 1.24 16.74 42.22
C GLU A 130 -0.12 17.21 41.71
N ALA A 131 -1.02 16.28 41.44
CA ALA A 131 -2.35 16.63 40.94
C ALA A 131 -3.06 17.63 41.85
N GLN A 132 -3.13 17.31 43.14
CA GLN A 132 -3.78 18.17 44.11
C GLN A 132 -3.15 19.55 44.07
N GLN A 133 -1.88 19.58 43.72
CA GLN A 133 -1.14 20.82 43.64
C GLN A 133 -1.57 21.67 42.45
N VAL A 134 -2.03 21.04 41.37
CA VAL A 134 -2.43 21.82 40.20
C VAL A 134 -3.93 21.83 39.92
N TYR A 135 -4.69 20.92 40.51
CA TYR A 135 -6.13 20.89 40.27
C TYR A 135 -6.99 21.05 41.52
N SER A 136 -6.59 20.35 42.58
CA SER A 136 -7.35 20.36 43.83
C SER A 136 -8.83 20.26 43.42
N GLY A 137 -9.19 19.05 42.99
CA GLY A 137 -10.52 18.76 42.52
C GLY A 137 -10.41 17.77 41.37
N LYS A 138 -10.64 16.50 41.68
CA LYS A 138 -10.60 15.41 40.71
C LYS A 138 -11.35 15.76 39.43
N GLU A 139 -12.55 16.33 39.56
CA GLU A 139 -13.33 16.69 38.40
C GLU A 139 -12.75 17.87 37.64
N ALA A 140 -12.04 18.74 38.32
CA ALA A 140 -11.43 19.90 37.67
C ALA A 140 -10.38 19.41 36.66
N ARG A 141 -9.80 18.25 36.94
CA ARG A 141 -8.76 17.70 36.07
C ARG A 141 -9.32 17.13 34.78
N THR A 142 -10.40 16.35 34.89
CA THR A 142 -10.99 15.77 33.69
C THR A 142 -11.69 16.85 32.92
N GLU A 143 -11.97 17.97 33.59
CA GLU A 143 -12.62 19.08 32.93
C GLU A 143 -11.68 19.75 31.91
N GLU A 144 -10.48 20.13 32.32
CA GLU A 144 -9.60 20.77 31.36
C GLU A 144 -9.31 19.80 30.21
N MET A 145 -9.24 18.51 30.53
CA MET A 145 -8.99 17.52 29.49
C MET A 145 -10.11 17.59 28.46
N LYS A 146 -11.35 17.65 28.92
CA LYS A 146 -12.49 17.73 28.01
C LYS A 146 -12.48 19.01 27.17
N TRP A 147 -12.15 20.16 27.78
CA TRP A 147 -12.12 21.41 27.03
C TRP A 147 -10.88 21.59 26.20
N ARG A 148 -9.80 20.95 26.62
CA ARG A 148 -8.56 21.03 25.86
C ARG A 148 -8.90 20.41 24.50
N GLN A 149 -9.46 19.21 24.54
CA GLN A 149 -9.84 18.49 23.34
C GLN A 149 -10.85 19.26 22.54
N TRP A 150 -11.74 19.97 23.24
CA TRP A 150 -12.77 20.76 22.59
C TRP A 150 -12.13 21.90 21.80
N ALA A 151 -11.09 22.49 22.40
CA ALA A 151 -10.39 23.59 21.76
C ALA A 151 -9.89 23.24 20.38
N ASP A 152 -9.22 22.09 20.22
CA ASP A 152 -8.75 21.83 18.87
C ASP A 152 -9.53 20.87 18.01
N ASP A 153 -10.62 20.32 18.53
CA ASP A 153 -11.45 19.45 17.71
C ASP A 153 -12.68 20.18 17.23
N TRP A 154 -12.97 21.32 17.86
CA TRP A 154 -14.11 22.11 17.45
C TRP A 154 -13.79 23.60 17.25
N LEU A 155 -13.31 24.25 18.30
CA LEU A 155 -13.00 25.68 18.21
C LEU A 155 -12.13 26.05 17.01
N VAL A 156 -11.02 25.36 16.82
CA VAL A 156 -10.14 25.72 15.72
C VAL A 156 -10.81 25.59 14.36
N HIS A 157 -11.74 24.67 14.21
CA HIS A 157 -12.38 24.49 12.92
C HIS A 157 -13.28 25.67 12.56
N LEU A 158 -13.42 26.59 13.50
CA LEU A 158 -14.23 27.76 13.30
C LEU A 158 -13.41 28.93 12.77
N ILE A 159 -12.09 28.85 12.90
CA ILE A 159 -11.22 29.94 12.47
C ILE A 159 -11.16 30.24 10.98
N SER A 160 -10.69 29.29 10.19
CA SER A 160 -10.57 29.51 8.76
C SER A 160 -11.83 30.03 8.13
N PRO A 161 -12.93 29.28 8.24
CA PRO A 161 -14.16 29.76 7.62
C PRO A 161 -14.59 31.16 8.07
N ASN A 162 -14.10 31.58 9.24
CA ASN A 162 -14.42 32.90 9.76
C ASN A 162 -13.47 33.99 9.30
N VAL A 163 -12.17 33.73 9.32
CA VAL A 163 -11.17 34.70 8.89
C VAL A 163 -10.93 34.65 7.38
N TYR A 164 -11.67 33.81 6.67
CA TYR A 164 -11.57 33.70 5.21
C TYR A 164 -12.95 33.65 4.59
N ARG A 165 -13.98 34.05 5.35
CA ARG A 165 -15.33 33.99 4.81
C ARG A 165 -15.63 35.00 3.75
N THR A 166 -14.77 36.00 3.64
CA THR A 166 -14.98 37.04 2.65
C THR A 166 -13.68 37.36 1.94
N PRO A 167 -13.72 37.61 0.61
CA PRO A 167 -12.48 37.91 -0.10
C PRO A 167 -11.63 38.98 0.54
N THR A 168 -12.29 39.96 1.16
CA THR A 168 -11.56 41.03 1.83
C THR A 168 -10.88 40.48 3.06
N GLU A 169 -11.62 39.79 3.91
CA GLU A 169 -11.03 39.22 5.11
C GLU A 169 -9.96 38.23 4.71
N ALA A 170 -10.21 37.48 3.65
CA ALA A 170 -9.26 36.49 3.15
C ALA A 170 -7.93 37.19 2.93
N LEU A 171 -7.94 38.22 2.11
CA LEU A 171 -6.73 38.99 1.83
C LEU A 171 -6.14 39.55 3.14
N ALA A 172 -6.99 40.11 3.99
CA ALA A 172 -6.54 40.67 5.26
C ALA A 172 -5.80 39.64 6.08
N SER A 173 -6.33 38.43 6.08
CA SER A 173 -5.74 37.33 6.84
C SER A 173 -4.43 36.87 6.25
N PHE A 174 -4.43 36.60 4.95
CA PHE A 174 -3.21 36.15 4.32
C PHE A 174 -2.13 37.20 4.23
N ASP A 175 -2.53 38.46 4.36
CA ASP A 175 -1.58 39.56 4.34
C ASP A 175 -0.83 39.45 5.66
N TYR A 176 -1.63 39.28 6.70
CA TYR A 176 -1.18 39.14 8.06
C TYR A 176 -0.36 37.85 8.22
N ILE A 177 -0.49 36.93 7.25
CA ILE A 177 0.23 35.66 7.26
C ILE A 177 1.63 35.86 6.69
N VAL A 178 1.70 36.51 5.54
CA VAL A 178 2.97 36.76 4.88
C VAL A 178 3.85 37.69 5.71
N ARG A 179 3.26 38.76 6.24
CA ARG A 179 3.98 39.72 7.07
C ARG A 179 4.54 39.01 8.30
N GLU A 180 3.65 38.39 9.06
CA GLU A 180 3.99 37.68 10.29
C GLU A 180 5.03 36.57 10.11
N GLY A 181 4.70 35.59 9.27
CA GLY A 181 5.58 34.46 9.03
C GLY A 181 6.83 34.68 8.19
N LYS A 182 7.42 33.59 7.72
CA LYS A 182 8.64 33.62 6.92
C LYS A 182 8.43 33.29 5.44
N PHE A 183 8.36 34.34 4.61
CA PHE A 183 8.18 34.19 3.16
C PHE A 183 9.15 35.11 2.48
N GLY A 184 9.78 34.64 1.41
CA GLY A 184 10.71 35.49 0.68
C GLY A 184 9.92 36.69 0.17
N ALA A 185 10.62 37.72 -0.30
CA ALA A 185 9.93 38.91 -0.80
C ALA A 185 8.98 38.59 -1.94
N VAL A 186 9.38 37.64 -2.79
CA VAL A 186 8.61 37.21 -3.95
C VAL A 186 7.52 36.19 -3.61
N GLU A 187 7.89 35.13 -2.90
CA GLU A 187 6.93 34.10 -2.54
C GLU A 187 5.90 34.68 -1.57
N GLY A 188 6.07 35.95 -1.24
CA GLY A 188 5.15 36.60 -0.32
C GLY A 188 4.09 37.34 -1.11
N ALA A 189 4.52 38.23 -2.00
CA ALA A 189 3.59 39.01 -2.82
C ALA A 189 2.63 38.06 -3.53
N VAL A 190 3.18 37.00 -4.12
CA VAL A 190 2.38 36.02 -4.83
C VAL A 190 1.46 35.32 -3.84
N ALA A 191 2.06 34.72 -2.82
CA ALA A 191 1.32 33.99 -1.80
C ALA A 191 0.14 34.75 -1.17
N LYS A 192 0.23 36.07 -1.09
CA LYS A 192 -0.87 36.83 -0.52
C LYS A 192 -2.14 36.62 -1.36
N TYR A 193 -2.03 36.82 -2.66
CA TYR A 193 -3.17 36.66 -3.55
C TYR A 193 -3.51 35.21 -3.88
N MET A 194 -2.50 34.42 -4.21
CA MET A 194 -2.76 33.03 -4.50
C MET A 194 -3.30 32.42 -3.21
N GLY A 195 -2.65 32.76 -2.10
CA GLY A 195 -3.03 32.26 -0.80
C GLY A 195 -4.46 32.58 -0.39
N ALA A 196 -4.81 33.86 -0.43
CA ALA A 196 -6.16 34.30 -0.08
C ALA A 196 -7.20 33.62 -0.98
N ALA A 197 -6.90 33.56 -2.27
CA ALA A 197 -7.81 32.92 -3.22
C ALA A 197 -8.00 31.46 -2.80
N ALA A 198 -6.89 30.74 -2.70
CA ALA A 198 -6.92 29.34 -2.30
C ALA A 198 -7.71 29.20 -1.01
N MET A 199 -7.26 29.86 0.05
CA MET A 199 -7.95 29.76 1.34
C MET A 199 -9.41 30.21 1.33
N TYR A 200 -9.76 31.17 0.48
CA TYR A 200 -11.13 31.62 0.44
C TYR A 200 -12.01 30.46 -0.03
N LEU A 201 -11.59 29.80 -1.11
CA LEU A 201 -12.30 28.67 -1.70
C LEU A 201 -12.24 27.46 -0.79
N ILE A 202 -11.05 27.15 -0.31
CA ILE A 202 -10.87 26.01 0.58
C ILE A 202 -11.69 26.13 1.86
N SER A 203 -11.80 27.34 2.41
CA SER A 203 -12.58 27.52 3.63
C SER A 203 -14.04 27.17 3.38
N LYS A 204 -14.47 27.34 2.13
CA LYS A 204 -15.84 27.03 1.77
C LYS A 204 -16.07 25.54 2.03
N ARG A 205 -15.14 24.71 1.56
CA ARG A 205 -15.23 23.27 1.77
C ARG A 205 -15.16 22.99 3.26
N LEU A 206 -14.26 23.64 3.96
CA LEU A 206 -14.14 23.43 5.40
C LEU A 206 -15.44 23.79 6.09
N LYS A 207 -16.07 24.88 5.64
CA LYS A 207 -17.35 25.30 6.21
C LYS A 207 -18.33 24.13 6.11
N SER A 208 -18.40 23.56 4.93
CA SER A 208 -19.27 22.44 4.67
C SER A 208 -18.87 21.19 5.46
N ARG A 209 -17.70 20.63 5.13
CA ARG A 209 -17.19 19.43 5.76
C ARG A 209 -17.31 19.40 7.28
N HIS A 210 -17.19 20.56 7.93
CA HIS A 210 -17.26 20.60 9.40
C HIS A 210 -18.63 20.94 9.97
N ARG A 211 -19.65 20.87 9.13
CA ARG A 211 -21.03 21.13 9.57
C ARG A 211 -21.28 22.50 10.20
N LEU A 212 -20.70 23.55 9.64
CA LEU A 212 -20.91 24.89 10.19
C LEU A 212 -22.16 25.52 9.61
N GLN A 213 -22.79 26.40 10.38
CA GLN A 213 -23.99 27.11 9.92
C GLN A 213 -23.60 27.93 8.71
N ASP A 214 -24.59 28.35 7.92
CA ASP A 214 -24.29 29.16 6.75
C ASP A 214 -23.59 30.44 7.21
N ASN A 215 -24.10 31.04 8.29
CA ASN A 215 -23.51 32.25 8.84
C ASN A 215 -22.41 31.87 9.84
N VAL A 216 -21.28 31.50 9.27
CA VAL A 216 -20.09 31.08 10.01
C VAL A 216 -19.81 31.84 11.30
N ARG A 217 -20.24 33.10 11.38
CA ARG A 217 -20.01 33.90 12.58
C ARG A 217 -20.77 33.33 13.76
N GLU A 218 -21.98 32.84 13.50
CA GLU A 218 -22.81 32.29 14.54
C GLU A 218 -22.23 31.06 15.22
N ASP A 219 -21.49 30.25 14.46
CA ASP A 219 -20.86 29.09 15.06
C ASP A 219 -19.80 29.59 16.04
N LEU A 220 -19.09 30.64 15.64
CA LEU A 220 -18.04 31.21 16.48
C LEU A 220 -18.62 31.79 17.76
N TYR A 221 -19.68 32.60 17.64
CA TYR A 221 -20.32 33.21 18.80
C TYR A 221 -20.86 32.15 19.78
N GLU A 222 -21.47 31.12 19.23
CA GLU A 222 -22.01 30.05 20.05
C GLU A 222 -20.87 29.35 20.81
N ALA A 223 -19.80 29.04 20.10
CA ALA A 223 -18.64 28.39 20.70
C ALA A 223 -18.13 29.23 21.85
N ALA A 224 -18.10 30.54 21.64
CA ALA A 224 -17.64 31.46 22.68
C ALA A 224 -18.59 31.44 23.88
N ASP A 225 -19.89 31.49 23.61
CA ASP A 225 -20.83 31.49 24.72
C ASP A 225 -20.71 30.18 25.52
N LYS A 226 -20.59 29.08 24.79
CA LYS A 226 -20.44 27.76 25.40
C LYS A 226 -19.26 27.82 26.36
N TRP A 227 -18.15 28.40 25.91
CA TRP A 227 -16.96 28.53 26.73
C TRP A 227 -17.18 29.42 27.97
N VAL A 228 -17.70 30.63 27.78
CA VAL A 228 -17.93 31.52 28.93
C VAL A 228 -18.89 30.85 29.91
N ALA A 229 -19.92 30.23 29.37
CA ALA A 229 -20.88 29.55 30.23
C ALA A 229 -20.14 28.45 31.01
N ALA A 230 -19.28 27.70 30.31
CA ALA A 230 -18.53 26.65 30.96
C ALA A 230 -17.69 27.21 32.09
N VAL A 231 -16.98 28.30 31.81
CA VAL A 231 -16.15 28.92 32.83
C VAL A 231 -17.05 29.31 34.00
N GLY A 232 -18.22 29.84 33.68
CA GLY A 232 -19.14 30.25 34.72
C GLY A 232 -18.84 31.61 35.31
N LYS A 233 -19.65 32.04 36.27
CA LYS A 233 -19.45 33.33 36.91
C LYS A 233 -18.86 33.21 38.31
N ASP A 234 -18.50 31.99 38.68
CA ASP A 234 -17.93 31.74 40.00
C ASP A 234 -16.41 31.67 40.02
N ARG A 235 -15.77 31.86 38.86
CA ARG A 235 -14.32 31.80 38.77
C ARG A 235 -13.77 32.61 37.60
N PRO A 236 -12.57 33.20 37.77
CA PRO A 236 -11.92 33.99 36.73
C PRO A 236 -11.71 33.18 35.46
N PHE A 237 -11.09 32.02 35.62
CA PHE A 237 -10.83 31.12 34.50
C PHE A 237 -11.33 29.73 34.88
N MET A 238 -11.30 28.83 33.92
CA MET A 238 -11.71 27.46 34.20
C MET A 238 -10.74 26.92 35.23
N GLY A 239 -9.47 27.31 35.11
CA GLY A 239 -8.47 26.88 36.07
C GLY A 239 -8.74 27.50 37.42
N GLY A 240 -9.81 28.28 37.50
CA GLY A 240 -10.17 28.93 38.75
C GLY A 240 -9.43 30.22 39.04
N GLN A 241 -8.56 30.18 40.05
CA GLN A 241 -7.80 31.36 40.43
C GLN A 241 -6.89 31.85 39.29
N LYS A 242 -6.08 30.94 38.75
CA LYS A 242 -5.19 31.24 37.65
C LYS A 242 -5.69 30.37 36.49
N PRO A 243 -5.21 30.61 35.27
CA PRO A 243 -5.66 29.80 34.13
C PRO A 243 -5.04 28.40 34.13
N ASN A 244 -5.77 27.41 33.62
CA ASN A 244 -5.20 26.06 33.53
C ASN A 244 -4.97 25.79 32.04
N LEU A 245 -4.62 24.56 31.69
CA LEU A 245 -4.36 24.23 30.29
C LEU A 245 -5.57 24.49 29.36
N ALA A 246 -6.79 24.42 29.90
CA ALA A 246 -7.97 24.66 29.08
C ALA A 246 -8.10 26.15 28.70
N ASP A 247 -7.87 27.05 29.66
CA ASP A 247 -7.95 28.48 29.38
C ASP A 247 -6.89 28.85 28.34
N LEU A 248 -5.70 28.32 28.53
CA LEU A 248 -4.60 28.58 27.63
C LEU A 248 -4.89 28.02 26.26
N ALA A 249 -5.62 26.90 26.22
CA ALA A 249 -5.97 26.25 24.96
C ALA A 249 -6.91 27.11 24.13
N VAL A 250 -8.07 27.43 24.70
CA VAL A 250 -9.04 28.25 24.00
C VAL A 250 -8.43 29.61 23.65
N TYR A 251 -7.79 30.24 24.63
CA TYR A 251 -7.14 31.53 24.40
C TYR A 251 -6.15 31.38 23.25
N GLY A 252 -5.23 30.43 23.39
CA GLY A 252 -4.23 30.20 22.35
C GLY A 252 -4.85 30.04 20.99
N VAL A 253 -5.98 29.34 20.94
CA VAL A 253 -6.66 29.13 19.66
C VAL A 253 -7.27 30.41 19.10
N LEU A 254 -7.94 31.16 19.96
CA LEU A 254 -8.58 32.39 19.52
C LEU A 254 -7.62 33.52 19.15
N ARG A 255 -6.51 33.65 19.88
CA ARG A 255 -5.58 34.73 19.61
C ARG A 255 -5.16 34.84 18.16
N VAL A 256 -4.91 33.71 17.55
CA VAL A 256 -4.51 33.68 16.15
C VAL A 256 -5.32 34.66 15.27
N MET A 257 -6.53 35.02 15.69
CA MET A 257 -7.36 35.92 14.89
C MET A 257 -7.20 37.41 15.26
N GLU A 258 -6.46 37.70 16.32
CA GLU A 258 -6.25 39.09 16.73
C GLU A 258 -5.82 39.94 15.56
N GLY A 259 -6.54 41.04 15.35
CA GLY A 259 -6.23 41.94 14.27
C GLY A 259 -7.13 41.75 13.08
N LEU A 260 -7.87 40.65 13.06
CA LEU A 260 -8.77 40.37 11.96
C LEU A 260 -10.22 40.71 12.32
N ASP A 261 -11.05 40.89 11.31
CA ASP A 261 -12.45 41.21 11.53
C ASP A 261 -13.14 40.22 12.46
N ALA A 262 -13.01 38.93 12.15
CA ALA A 262 -13.64 37.89 12.95
C ALA A 262 -13.41 38.09 14.44
N PHE A 263 -12.18 38.48 14.82
CA PHE A 263 -11.88 38.70 16.23
C PHE A 263 -12.67 39.86 16.82
N ASP A 264 -12.76 40.99 16.11
CA ASP A 264 -13.50 42.12 16.64
C ASP A 264 -14.96 41.70 16.74
N ASP A 265 -15.47 41.05 15.71
CA ASP A 265 -16.85 40.58 15.78
C ASP A 265 -16.99 39.71 17.04
N LEU A 266 -16.18 38.67 17.13
CA LEU A 266 -16.19 37.77 18.28
C LEU A 266 -16.25 38.53 19.61
N MET A 267 -15.39 39.53 19.74
CA MET A 267 -15.32 40.34 20.96
C MET A 267 -16.56 41.21 21.20
N GLN A 268 -17.11 41.77 20.12
CA GLN A 268 -18.27 42.66 20.21
C GLN A 268 -19.63 41.97 20.36
N HIS A 269 -19.72 40.69 20.05
CA HIS A 269 -21.00 40.00 20.15
C HIS A 269 -21.04 38.79 21.09
N THR A 270 -20.14 38.67 22.07
CA THR A 270 -20.21 37.45 22.86
C THR A 270 -19.97 37.40 24.37
N HIS A 271 -19.62 38.50 25.02
CA HIS A 271 -19.38 38.44 26.47
C HIS A 271 -18.14 37.63 26.82
N ILE A 272 -17.32 37.30 25.82
CA ILE A 272 -16.12 36.52 26.08
C ILE A 272 -14.88 37.39 26.30
N GLN A 273 -14.98 38.67 25.97
CA GLN A 273 -13.84 39.55 26.12
C GLN A 273 -13.28 39.65 27.53
N PRO A 274 -14.14 39.82 28.53
CA PRO A 274 -13.57 39.90 29.88
C PRO A 274 -12.69 38.71 30.25
N TRP A 275 -13.12 37.49 29.91
CA TRP A 275 -12.30 36.32 30.20
C TRP A 275 -11.01 36.38 29.36
N TYR A 276 -11.17 36.73 28.09
CA TYR A 276 -10.03 36.82 27.19
C TYR A 276 -8.96 37.78 27.74
N LEU A 277 -9.37 38.99 28.10
CA LEU A 277 -8.41 39.97 28.61
C LEU A 277 -7.79 39.55 29.92
N ARG A 278 -8.52 38.76 30.68
CA ARG A 278 -8.06 38.26 31.97
C ARG A 278 -6.87 37.31 31.75
N VAL A 279 -6.98 36.45 30.74
CA VAL A 279 -5.92 35.50 30.41
C VAL A 279 -4.72 36.25 29.81
N GLU A 280 -5.01 37.21 28.95
CA GLU A 280 -3.97 38.01 28.34
C GLU A 280 -3.16 38.74 29.41
N ARG A 281 -3.82 39.35 30.39
CA ARG A 281 -3.07 40.07 31.41
C ARG A 281 -2.44 39.11 32.41
N ALA A 282 -3.05 37.93 32.53
CA ALA A 282 -2.53 36.91 33.42
C ALA A 282 -1.20 36.45 32.84
N ILE A 283 -1.10 36.48 31.51
CA ILE A 283 0.11 36.09 30.84
C ILE A 283 1.17 37.19 30.84
N THR A 284 0.79 38.40 30.40
CA THR A 284 1.72 39.50 30.38
C THR A 284 2.37 39.67 31.76
N GLU A 285 1.68 39.22 32.81
CA GLU A 285 2.24 39.33 34.16
C GLU A 285 3.22 38.21 34.42
N ALA A 286 4.02 37.88 33.39
CA ALA A 286 5.03 36.83 33.41
C ALA A 286 4.88 35.86 34.55
N LEU B 13 -20.56 -6.84 41.88
CA LEU B 13 -20.07 -6.33 40.57
C LEU B 13 -20.42 -7.29 39.44
N GLN B 14 -21.60 -7.09 38.85
CA GLN B 14 -22.07 -7.93 37.76
C GLN B 14 -21.69 -7.33 36.42
N LEU B 15 -21.12 -8.15 35.54
CA LEU B 15 -20.69 -7.72 34.22
C LEU B 15 -21.44 -8.44 33.10
N THR B 16 -21.98 -7.67 32.16
CA THR B 16 -22.68 -8.23 31.02
C THR B 16 -21.93 -7.72 29.83
N LEU B 17 -21.51 -8.63 28.98
CA LEU B 17 -20.74 -8.27 27.78
C LEU B 17 -21.59 -8.52 26.54
N TYR B 18 -21.87 -7.45 25.79
CA TYR B 18 -22.64 -7.61 24.56
C TYR B 18 -21.55 -7.76 23.52
N GLN B 19 -21.61 -8.81 22.71
CA GLN B 19 -20.52 -9.04 21.77
C GLN B 19 -20.85 -9.83 20.51
N TYR B 20 -19.81 -10.00 19.69
CA TYR B 20 -19.84 -10.81 18.48
C TYR B 20 -18.66 -11.70 18.87
N LYS B 21 -18.93 -12.96 19.19
CA LYS B 21 -17.90 -13.88 19.65
C LYS B 21 -16.62 -13.97 18.81
N THR B 22 -16.79 -14.12 17.51
CA THR B 22 -15.66 -14.24 16.62
C THR B 22 -15.06 -12.90 16.20
N CYS B 23 -15.54 -11.82 16.81
CA CYS B 23 -15.05 -10.46 16.52
C CYS B 23 -13.87 -10.18 17.45
N PRO B 24 -12.71 -9.84 16.88
CA PRO B 24 -11.50 -9.56 17.65
C PRO B 24 -11.66 -8.60 18.81
N PHE B 25 -12.43 -7.53 18.61
CA PHE B 25 -12.62 -6.57 19.69
C PHE B 25 -13.31 -7.19 20.90
N CYS B 26 -14.16 -8.18 20.66
CA CYS B 26 -14.83 -8.83 21.77
C CYS B 26 -13.92 -9.90 22.34
N SER B 27 -13.25 -10.65 21.46
CA SER B 27 -12.31 -11.67 21.91
C SER B 27 -11.34 -11.01 22.89
N LYS B 28 -10.97 -9.77 22.60
CA LYS B 28 -10.08 -9.07 23.51
C LYS B 28 -10.70 -8.94 24.89
N VAL B 29 -11.91 -8.41 24.97
CA VAL B 29 -12.54 -8.22 26.28
C VAL B 29 -12.61 -9.54 27.03
N ARG B 30 -13.02 -10.59 26.34
CA ARG B 30 -13.12 -11.92 26.96
C ARG B 30 -11.76 -12.42 27.47
N ALA B 31 -10.73 -12.23 26.67
CA ALA B 31 -9.40 -12.64 27.08
C ALA B 31 -9.11 -11.99 28.43
N PHE B 32 -9.41 -10.71 28.54
CA PHE B 32 -9.15 -9.96 29.76
C PHE B 32 -10.01 -10.44 30.93
N LEU B 33 -11.31 -10.57 30.73
CA LEU B 33 -12.18 -11.02 31.81
C LEU B 33 -11.80 -12.45 32.23
N ASP B 34 -11.59 -13.32 31.25
CA ASP B 34 -11.19 -14.69 31.51
C ASP B 34 -9.92 -14.74 32.36
N PHE B 35 -8.91 -13.97 31.96
CA PHE B 35 -7.65 -13.98 32.71
C PHE B 35 -7.76 -13.42 34.12
N HIS B 36 -8.62 -12.43 34.31
CA HIS B 36 -8.76 -11.84 35.63
C HIS B 36 -9.87 -12.52 36.35
N ALA B 37 -10.19 -13.73 35.92
CA ALA B 37 -11.25 -14.54 36.52
C ALA B 37 -12.40 -13.70 37.01
N LEU B 38 -12.88 -12.79 36.17
CA LEU B 38 -14.01 -11.95 36.53
C LEU B 38 -15.26 -12.63 36.01
N PRO B 39 -16.26 -12.81 36.86
CA PRO B 39 -17.49 -13.44 36.37
C PRO B 39 -18.26 -12.46 35.52
N TYR B 40 -18.79 -12.93 34.41
CA TYR B 40 -19.57 -12.07 33.51
C TYR B 40 -20.52 -12.89 32.67
N GLN B 41 -21.58 -12.25 32.20
CA GLN B 41 -22.52 -12.92 31.33
C GLN B 41 -22.31 -12.33 29.96
N VAL B 42 -22.57 -13.11 28.92
CA VAL B 42 -22.43 -12.58 27.59
C VAL B 42 -23.78 -12.66 26.89
N VAL B 43 -24.12 -11.61 26.18
CA VAL B 43 -25.36 -11.62 25.41
C VAL B 43 -24.86 -11.43 23.99
N GLU B 44 -25.01 -12.47 23.19
CA GLU B 44 -24.56 -12.46 21.81
C GLU B 44 -25.43 -11.52 20.99
N VAL B 45 -24.79 -10.61 20.27
CA VAL B 45 -25.55 -9.66 19.47
C VAL B 45 -25.77 -10.18 18.04
N ASN B 46 -27.01 -10.03 17.57
CA ASN B 46 -27.35 -10.42 16.20
C ASN B 46 -26.72 -9.35 15.32
N PRO B 47 -25.67 -9.70 14.55
CA PRO B 47 -25.01 -8.73 13.67
C PRO B 47 -25.87 -8.05 12.60
N VAL B 48 -27.02 -8.61 12.30
CA VAL B 48 -27.86 -8.02 11.29
C VAL B 48 -28.86 -7.05 11.91
N LEU B 49 -29.64 -7.51 12.88
CA LEU B 49 -30.63 -6.63 13.49
C LEU B 49 -30.14 -5.85 14.70
N ARG B 50 -29.10 -6.38 15.35
CA ARG B 50 -28.49 -5.76 16.51
C ARG B 50 -29.45 -5.31 17.59
N ALA B 51 -30.59 -5.99 17.68
CA ALA B 51 -31.60 -5.62 18.66
C ALA B 51 -31.10 -5.60 20.11
N GLU B 52 -30.29 -6.58 20.48
CA GLU B 52 -29.82 -6.66 21.85
C GLU B 52 -28.97 -5.49 22.28
N ILE B 53 -28.64 -4.62 21.31
CA ILE B 53 -27.84 -3.44 21.57
C ILE B 53 -28.67 -2.16 21.55
N LYS B 54 -29.89 -2.25 21.02
CA LYS B 54 -30.79 -1.11 21.01
C LYS B 54 -31.12 -0.81 22.46
N PHE B 55 -30.42 0.18 23.01
CA PHE B 55 -30.57 0.62 24.39
C PHE B 55 -29.35 1.48 24.64
N SER B 56 -28.34 1.25 23.80
CA SER B 56 -27.09 1.98 23.87
C SER B 56 -27.01 2.98 22.75
N SER B 57 -26.66 4.21 23.09
CA SER B 57 -26.51 5.25 22.09
C SER B 57 -25.17 5.03 21.38
N TYR B 58 -24.34 4.18 21.97
CA TYR B 58 -23.05 3.80 21.41
C TYR B 58 -23.36 2.63 20.51
N ARG B 59 -23.12 2.82 19.22
CA ARG B 59 -23.44 1.84 18.20
C ARG B 59 -22.43 0.78 17.80
N LYS B 60 -21.43 0.52 18.63
CA LYS B 60 -20.46 -0.50 18.27
C LYS B 60 -20.36 -1.55 19.34
N VAL B 61 -20.04 -2.79 18.96
CA VAL B 61 -19.89 -3.85 19.95
C VAL B 61 -18.42 -4.19 19.88
N PRO B 62 -17.82 -4.63 20.99
CA PRO B 62 -18.42 -4.84 22.30
C PRO B 62 -18.80 -3.60 23.12
N ILE B 63 -19.73 -3.82 24.05
CA ILE B 63 -20.21 -2.84 25.01
C ILE B 63 -20.29 -3.69 26.25
N LEU B 64 -19.96 -3.16 27.42
CA LEU B 64 -20.06 -3.92 28.65
C LEU B 64 -20.66 -3.07 29.74
N VAL B 65 -21.79 -3.48 30.30
CA VAL B 65 -22.38 -2.70 31.37
C VAL B 65 -22.07 -3.38 32.70
N ALA B 66 -21.51 -2.61 33.63
CA ALA B 66 -21.18 -3.13 34.94
C ALA B 66 -22.23 -2.66 35.92
N GLN B 67 -22.66 -3.56 36.81
CA GLN B 67 -23.65 -3.20 37.82
C GLN B 67 -23.22 -3.45 39.24
N GLU B 68 -23.47 -2.46 40.09
CA GLU B 68 -23.17 -2.55 41.51
C GLU B 68 -24.53 -2.37 42.18
N GLY B 69 -25.28 -3.46 42.23
CA GLY B 69 -26.61 -3.39 42.81
C GLY B 69 -27.47 -2.40 42.07
N GLU B 70 -27.61 -1.21 42.63
CA GLU B 70 -28.43 -0.18 42.02
C GLU B 70 -27.69 0.59 40.93
N SER B 71 -26.41 0.89 41.15
CA SER B 71 -25.61 1.62 40.18
C SER B 71 -25.30 0.75 38.98
N SER B 72 -24.99 1.39 37.86
CA SER B 72 -24.65 0.68 36.64
C SER B 72 -24.09 1.67 35.63
N GLN B 73 -22.90 1.36 35.10
CA GLN B 73 -22.28 2.20 34.10
C GLN B 73 -21.98 1.40 32.85
N GLN B 74 -22.05 2.06 31.69
CA GLN B 74 -21.80 1.39 30.42
C GLN B 74 -20.39 1.71 29.93
N LEU B 75 -19.56 0.68 29.75
CA LEU B 75 -18.19 0.87 29.26
C LEU B 75 -18.25 0.56 27.76
N ASN B 76 -17.71 1.43 26.90
CA ASN B 76 -17.82 1.22 25.46
C ASN B 76 -16.71 0.68 24.59
N ASP B 77 -15.62 1.39 24.38
CA ASP B 77 -14.59 0.85 23.50
C ASP B 77 -14.01 -0.43 24.13
N SER B 78 -13.57 -1.39 23.33
CA SER B 78 -13.03 -2.64 23.88
C SER B 78 -11.77 -2.44 24.73
N SER B 79 -10.90 -1.52 24.30
CA SER B 79 -9.68 -1.23 25.03
C SER B 79 -10.02 -0.37 26.27
N VAL B 80 -11.08 0.44 26.15
CA VAL B 80 -11.50 1.29 27.25
C VAL B 80 -12.07 0.41 28.33
N ILE B 81 -12.85 -0.59 27.91
CA ILE B 81 -13.47 -1.52 28.85
C ILE B 81 -12.38 -2.18 29.65
N ILE B 82 -11.39 -2.71 28.95
CA ILE B 82 -10.28 -3.39 29.59
C ILE B 82 -9.52 -2.47 30.53
N SER B 83 -9.26 -1.24 30.10
CA SER B 83 -8.51 -0.29 30.93
C SER B 83 -9.29 0.16 32.15
N ALA B 84 -10.56 0.43 31.96
CA ALA B 84 -11.40 0.86 33.06
C ALA B 84 -11.41 -0.25 34.11
N LEU B 85 -11.84 -1.44 33.67
CA LEU B 85 -11.93 -2.63 34.54
C LEU B 85 -10.64 -2.96 35.25
N LYS B 86 -9.54 -2.91 34.50
CA LYS B 86 -8.23 -3.19 35.07
C LYS B 86 -7.85 -2.21 36.17
N THR B 87 -7.89 -0.91 35.88
CA THR B 87 -7.54 0.06 36.91
C THR B 87 -8.49 -0.13 38.08
N TYR B 88 -9.71 -0.54 37.77
CA TYR B 88 -10.71 -0.79 38.79
C TYR B 88 -10.24 -1.90 39.74
N LEU B 89 -9.75 -2.99 39.14
CA LEU B 89 -9.28 -4.13 39.92
C LEU B 89 -8.09 -3.80 40.81
N VAL B 90 -7.26 -2.83 40.43
CA VAL B 90 -6.10 -2.54 41.28
C VAL B 90 -6.27 -1.33 42.20
N SER B 91 -7.02 -0.31 41.75
CA SER B 91 -7.22 0.89 42.56
C SER B 91 -8.45 0.82 43.46
N GLY B 92 -9.43 0.01 43.08
CA GLY B 92 -10.64 -0.08 43.88
C GLY B 92 -11.51 1.14 43.71
N GLN B 93 -10.96 2.18 43.08
CA GLN B 93 -11.72 3.40 42.85
C GLN B 93 -13.05 3.09 42.16
N PRO B 94 -14.13 3.78 42.56
CA PRO B 94 -15.45 3.54 41.96
C PRO B 94 -15.46 3.67 40.44
N LEU B 95 -15.93 2.62 39.80
CA LEU B 95 -16.00 2.54 38.34
C LEU B 95 -16.71 3.72 37.63
N GLU B 96 -17.67 4.32 38.31
CA GLU B 96 -18.42 5.44 37.73
C GLU B 96 -17.51 6.65 37.56
N GLU B 97 -16.45 6.70 38.34
CA GLU B 97 -15.49 7.81 38.24
C GLU B 97 -14.40 7.49 37.24
N ILE B 98 -14.01 6.22 37.17
CA ILE B 98 -12.97 5.81 36.27
C ILE B 98 -13.30 5.98 34.79
N ILE B 99 -14.49 5.58 34.36
CA ILE B 99 -14.83 5.72 32.94
C ILE B 99 -14.77 7.17 32.54
N THR B 100 -14.66 8.03 33.54
CA THR B 100 -14.59 9.47 33.35
C THR B 100 -13.22 9.87 32.80
N TYR B 101 -12.20 9.08 33.13
CA TYR B 101 -10.84 9.34 32.66
C TYR B 101 -10.59 8.82 31.24
N TYR B 102 -11.62 8.27 30.61
CA TYR B 102 -11.52 7.73 29.25
C TYR B 102 -12.63 8.36 28.42
N PRO B 103 -12.66 9.70 28.36
CA PRO B 103 -13.63 10.51 27.64
C PRO B 103 -13.83 10.16 26.19
N ALA B 104 -15.09 10.20 25.77
CA ALA B 104 -15.40 9.90 24.38
C ALA B 104 -15.15 11.21 23.64
N MET B 105 -14.19 11.19 22.73
CA MET B 105 -13.83 12.38 21.98
C MET B 105 -14.37 12.41 20.57
N LYS B 106 -15.47 13.15 20.40
CA LYS B 106 -16.14 13.31 19.12
C LYS B 106 -15.32 14.29 18.29
N ALA B 107 -15.36 14.13 16.98
CA ALA B 107 -14.63 14.99 16.06
C ALA B 107 -15.11 14.69 14.67
N VAL B 108 -15.21 15.72 13.82
CA VAL B 108 -15.66 15.52 12.47
C VAL B 108 -14.52 15.13 11.56
N ASN B 109 -14.68 13.98 10.91
CA ASN B 109 -13.72 13.41 9.99
C ASN B 109 -13.29 14.40 8.92
N ASP B 110 -12.12 14.17 8.34
CA ASP B 110 -11.60 15.02 7.29
C ASP B 110 -12.46 14.74 6.05
N GLN B 111 -13.34 13.74 6.17
CA GLN B 111 -14.21 13.38 5.08
C GLN B 111 -15.62 13.80 5.47
N GLY B 112 -15.72 14.47 6.61
CA GLY B 112 -17.01 14.97 7.08
C GLY B 112 -17.81 14.03 7.95
N LYS B 113 -17.20 12.92 8.36
CA LYS B 113 -17.90 11.93 9.18
C LYS B 113 -17.64 12.09 10.69
N GLU B 114 -18.70 12.03 11.47
CA GLU B 114 -18.64 12.14 12.92
C GLU B 114 -17.91 10.92 13.45
N VAL B 115 -16.77 11.11 14.12
CA VAL B 115 -16.07 9.96 14.65
C VAL B 115 -15.72 10.13 16.12
N THR B 116 -15.80 9.04 16.87
CA THR B 116 -15.50 9.08 18.29
C THR B 116 -14.29 8.23 18.65
N GLU B 117 -13.31 8.83 19.28
CA GLU B 117 -12.14 8.10 19.72
C GLU B 117 -12.11 8.26 21.23
N PHE B 118 -11.59 7.28 21.94
CA PHE B 118 -11.56 7.38 23.39
C PHE B 118 -10.19 7.74 23.93
N GLY B 119 -10.12 8.90 24.57
CA GLY B 119 -8.88 9.38 25.13
C GLY B 119 -8.33 8.51 26.23
N ASN B 120 -7.00 8.47 26.32
CA ASN B 120 -6.27 7.69 27.31
C ASN B 120 -6.61 6.20 27.29
N LYS B 121 -7.30 5.76 26.24
CA LYS B 121 -7.75 4.37 26.12
C LYS B 121 -6.74 3.28 26.51
N TYR B 122 -5.45 3.52 26.29
CA TYR B 122 -4.41 2.53 26.60
C TYR B 122 -3.61 2.84 27.84
N TRP B 123 -4.15 3.66 28.71
CA TRP B 123 -3.43 4.02 29.91
C TRP B 123 -4.21 3.71 31.17
N LEU B 124 -3.63 2.92 32.05
CA LEU B 124 -4.29 2.58 33.31
C LEU B 124 -4.20 3.76 34.27
N MET B 125 -5.35 4.18 34.80
CA MET B 125 -5.38 5.31 35.71
C MET B 125 -4.92 4.90 37.11
N LEU B 126 -3.63 4.62 37.24
CA LEU B 126 -3.07 4.19 38.52
C LEU B 126 -2.12 5.20 39.17
N ASN B 127 -1.94 5.09 40.49
CA ASN B 127 -1.00 5.96 41.19
C ASN B 127 0.33 5.21 41.35
N GLU B 128 1.37 5.89 41.86
CA GLU B 128 2.68 5.28 42.01
C GLU B 128 2.64 3.87 42.60
N LYS B 129 2.10 3.72 43.81
CA LYS B 129 2.02 2.41 44.44
C LYS B 129 1.43 1.40 43.48
N GLU B 130 0.18 1.64 43.11
CA GLU B 130 -0.54 0.77 42.19
C GLU B 130 0.28 0.36 40.97
N ALA B 131 0.83 1.33 40.26
CA ALA B 131 1.64 1.04 39.09
C ALA B 131 2.73 0.02 39.40
N GLN B 132 3.55 0.32 40.40
CA GLN B 132 4.65 -0.55 40.79
C GLN B 132 4.13 -1.95 41.03
N GLN B 133 2.90 -2.00 41.50
CA GLN B 133 2.27 -3.27 41.76
C GLN B 133 1.94 -4.05 40.50
N VAL B 134 1.69 -3.38 39.39
CA VAL B 134 1.37 -4.11 38.17
C VAL B 134 2.46 -4.10 37.09
N TYR B 135 3.41 -3.18 37.18
CA TYR B 135 4.45 -3.11 36.15
C TYR B 135 5.86 -3.24 36.67
N SER B 136 6.12 -2.60 37.81
CA SER B 136 7.45 -2.59 38.40
C SER B 136 8.46 -2.38 37.26
N GLY B 137 8.41 -1.20 36.67
CA GLY B 137 9.28 -0.86 35.56
C GLY B 137 8.55 0.16 34.72
N LYS B 138 8.89 1.44 34.93
CA LYS B 138 8.29 2.54 34.21
C LYS B 138 8.16 2.26 32.70
N GLU B 139 9.23 1.70 32.12
CA GLU B 139 9.21 1.41 30.70
C GLU B 139 8.30 0.24 30.36
N ALA B 140 8.11 -0.66 31.31
CA ALA B 140 7.23 -1.80 31.07
C ALA B 140 5.81 -1.33 30.86
N ARG B 141 5.47 -0.22 31.48
CA ARG B 141 4.13 0.34 31.39
C ARG B 141 3.85 0.99 30.03
N THR B 142 4.78 1.79 29.54
CA THR B 142 4.58 2.44 28.24
C THR B 142 4.70 1.39 27.16
N GLU B 143 5.32 0.27 27.49
CA GLU B 143 5.48 -0.79 26.52
C GLU B 143 4.15 -1.45 26.20
N GLU B 144 3.39 -1.87 27.21
CA GLU B 144 2.11 -2.50 26.87
C GLU B 144 1.22 -1.49 26.15
N MET B 145 1.32 -0.23 26.54
CA MET B 145 0.55 0.78 25.87
C MET B 145 0.84 0.74 24.36
N LYS B 146 2.12 0.78 24.00
CA LYS B 146 2.52 0.75 22.61
C LYS B 146 2.01 -0.52 21.89
N TRP B 147 2.11 -1.68 22.54
CA TRP B 147 1.67 -2.91 21.89
C TRP B 147 0.17 -3.10 21.90
N ARG B 148 -0.48 -2.54 22.90
CA ARG B 148 -1.93 -2.60 22.97
C ARG B 148 -2.44 -1.90 21.71
N GLN B 149 -1.93 -0.70 21.47
CA GLN B 149 -2.31 0.06 20.29
C GLN B 149 -1.92 -0.66 19.01
N TRP B 150 -0.78 -1.34 19.04
CA TRP B 150 -0.32 -2.08 17.88
C TRP B 150 -1.31 -3.19 17.57
N ALA B 151 -1.75 -3.88 18.61
CA ALA B 151 -2.69 -4.98 18.42
C ALA B 151 -3.89 -4.56 17.59
N ASP B 152 -4.59 -3.49 17.96
CA ASP B 152 -5.73 -3.16 17.13
C ASP B 152 -5.59 -2.13 16.02
N ASP B 153 -4.39 -1.59 15.82
CA ASP B 153 -4.19 -0.67 14.71
C ASP B 153 -3.45 -1.34 13.56
N TRP B 154 -2.85 -2.49 13.85
CA TRP B 154 -2.16 -3.23 12.81
C TRP B 154 -2.52 -4.70 12.80
N LEU B 155 -2.34 -5.39 13.92
CA LEU B 155 -2.63 -6.82 13.98
C LEU B 155 -4.02 -7.20 13.51
N VAL B 156 -5.07 -6.53 13.99
CA VAL B 156 -6.41 -6.90 13.57
C VAL B 156 -6.65 -6.69 12.08
N HIS B 157 -5.99 -5.72 11.46
CA HIS B 157 -6.21 -5.49 10.04
C HIS B 157 -5.64 -6.63 9.18
N LEU B 158 -4.98 -7.58 9.82
CA LEU B 158 -4.40 -8.70 9.13
C LEU B 158 -5.34 -9.90 9.14
N ILE B 159 -6.38 -9.84 9.97
CA ILE B 159 -7.32 -10.96 10.06
C ILE B 159 -8.22 -11.17 8.85
N SER B 160 -9.09 -10.22 8.54
CA SER B 160 -10.01 -10.39 7.41
C SER B 160 -9.33 -10.87 6.14
N PRO B 161 -8.37 -10.08 5.64
CA PRO B 161 -7.71 -10.51 4.40
C PRO B 161 -7.10 -11.91 4.48
N ASN B 162 -6.87 -12.39 5.69
CA ASN B 162 -6.29 -13.70 5.87
C ASN B 162 -7.32 -14.80 5.98
N VAL B 163 -8.37 -14.57 6.76
CA VAL B 163 -9.40 -15.58 6.93
C VAL B 163 -10.46 -15.53 5.84
N TYR B 164 -10.30 -14.63 4.88
CA TYR B 164 -11.23 -14.49 3.75
C TYR B 164 -10.46 -14.37 2.45
N ARG B 165 -9.18 -14.75 2.46
CA ARG B 165 -8.38 -14.60 1.25
C ARG B 165 -8.72 -15.55 0.15
N THR B 166 -9.51 -16.56 0.48
CA THR B 166 -9.87 -17.56 -0.52
C THR B 166 -11.34 -17.92 -0.34
N PRO B 167 -12.10 -18.07 -1.45
CA PRO B 167 -13.52 -18.42 -1.32
C PRO B 167 -13.80 -19.56 -0.36
N THR B 168 -12.90 -20.53 -0.30
CA THR B 168 -13.09 -21.64 0.62
C THR B 168 -12.96 -21.15 2.06
N GLU B 169 -11.82 -20.52 2.37
CA GLU B 169 -11.61 -20.00 3.72
C GLU B 169 -12.75 -19.03 4.07
N ALA B 170 -13.15 -18.22 3.09
CA ALA B 170 -14.23 -17.27 3.30
C ALA B 170 -15.45 -18.02 3.83
N LEU B 171 -15.88 -19.05 3.10
CA LEU B 171 -17.04 -19.84 3.53
C LEU B 171 -16.79 -20.47 4.87
N ALA B 172 -15.58 -20.99 5.08
CA ALA B 172 -15.22 -21.61 6.35
C ALA B 172 -15.38 -20.61 7.49
N SER B 173 -14.91 -19.39 7.26
CA SER B 173 -14.99 -18.33 8.26
C SER B 173 -16.40 -17.88 8.56
N PHE B 174 -17.18 -17.61 7.53
CA PHE B 174 -18.54 -17.15 7.72
C PHE B 174 -19.45 -18.24 8.23
N ASP B 175 -19.05 -19.49 8.02
CA ASP B 175 -19.82 -20.61 8.50
C ASP B 175 -19.65 -20.60 10.00
N TYR B 176 -18.39 -20.39 10.38
CA TYR B 176 -17.95 -20.32 11.76
C TYR B 176 -18.53 -19.06 12.43
N ILE B 177 -19.00 -18.11 11.61
CA ILE B 177 -19.61 -16.88 12.12
C ILE B 177 -21.07 -17.14 12.46
N VAL B 178 -21.81 -17.70 11.50
CA VAL B 178 -23.24 -17.99 11.70
C VAL B 178 -23.46 -19.01 12.83
N ARG B 179 -22.64 -20.04 12.87
CA ARG B 179 -22.73 -21.07 13.93
C ARG B 179 -22.49 -20.45 15.29
N GLU B 180 -21.37 -19.75 15.41
CA GLU B 180 -20.97 -19.11 16.66
C GLU B 180 -21.92 -18.02 17.16
N GLY B 181 -22.13 -17.00 16.31
CA GLY B 181 -23.00 -15.89 16.67
C GLY B 181 -24.50 -16.15 16.70
N LYS B 182 -25.27 -15.05 16.70
CA LYS B 182 -26.73 -15.11 16.75
C LYS B 182 -27.41 -14.72 15.43
N PHE B 183 -27.79 -15.74 14.66
CA PHE B 183 -28.48 -15.55 13.39
C PHE B 183 -29.69 -16.48 13.38
N GLY B 184 -30.84 -15.97 12.91
CA GLY B 184 -32.00 -16.83 12.81
C GLY B 184 -31.65 -17.98 11.87
N ALA B 185 -32.47 -19.03 11.86
CA ALA B 185 -32.20 -20.18 10.99
C ALA B 185 -32.08 -19.77 9.51
N VAL B 186 -32.91 -18.81 9.10
CA VAL B 186 -32.93 -18.32 7.72
C VAL B 186 -31.85 -17.28 7.41
N GLU B 187 -31.77 -16.24 8.25
CA GLU B 187 -30.77 -15.20 8.05
C GLU B 187 -29.37 -15.78 8.23
N GLY B 188 -29.31 -17.08 8.55
CA GLY B 188 -28.03 -17.74 8.74
C GLY B 188 -27.59 -18.42 7.44
N ALA B 189 -28.45 -19.28 6.91
CA ALA B 189 -28.17 -19.99 5.67
C ALA B 189 -27.80 -18.98 4.59
N VAL B 190 -28.63 -17.93 4.46
CA VAL B 190 -28.38 -16.90 3.47
C VAL B 190 -27.07 -16.22 3.80
N ALA B 191 -26.97 -15.67 5.01
CA ALA B 191 -25.78 -14.95 5.45
C ALA B 191 -24.46 -15.69 5.22
N LYS B 192 -24.48 -17.01 5.28
CA LYS B 192 -23.25 -17.76 5.07
C LYS B 192 -22.68 -17.47 3.68
N TYR B 193 -23.52 -17.61 2.66
CA TYR B 193 -23.08 -17.38 1.29
C TYR B 193 -23.02 -15.91 0.90
N MET B 194 -24.05 -15.15 1.22
CA MET B 194 -24.00 -13.73 0.90
C MET B 194 -22.82 -13.17 1.69
N GLY B 195 -22.73 -13.58 2.95
CA GLY B 195 -21.66 -13.12 3.83
C GLY B 195 -20.27 -13.41 3.34
N ALA B 196 -20.00 -14.66 3.00
CA ALA B 196 -18.70 -15.04 2.51
C ALA B 196 -18.37 -14.30 1.23
N ALA B 197 -19.36 -14.18 0.34
CA ALA B 197 -19.14 -13.48 -0.92
C ALA B 197 -18.78 -12.02 -0.62
N ALA B 198 -19.63 -11.37 0.15
CA ALA B 198 -19.38 -9.99 0.53
C ALA B 198 -17.99 -9.86 1.11
N MET B 199 -17.74 -10.57 2.21
CA MET B 199 -16.45 -10.52 2.87
C MET B 199 -15.25 -10.89 2.01
N TYR B 200 -15.41 -11.82 1.09
CA TYR B 200 -14.31 -12.21 0.22
C TYR B 200 -13.88 -11.00 -0.61
N LEU B 201 -14.86 -10.33 -1.22
CA LEU B 201 -14.62 -9.16 -2.06
C LEU B 201 -14.14 -7.99 -1.21
N ILE B 202 -14.85 -7.75 -0.11
CA ILE B 202 -14.52 -6.65 0.77
C ILE B 202 -13.10 -6.76 1.34
N SER B 203 -12.68 -7.97 1.67
CA SER B 203 -11.35 -8.18 2.20
C SER B 203 -10.31 -7.79 1.15
N LYS B 204 -10.71 -7.86 -0.12
CA LYS B 204 -9.79 -7.50 -1.19
C LYS B 204 -9.48 -6.02 -1.03
N ARG B 205 -10.51 -5.21 -0.78
CA ARG B 205 -10.33 -3.78 -0.61
C ARG B 205 -9.51 -3.51 0.65
N LEU B 206 -9.81 -4.23 1.72
CA LEU B 206 -9.08 -4.08 2.98
C LEU B 206 -7.62 -4.42 2.73
N LYS B 207 -7.35 -5.50 2.00
CA LYS B 207 -5.98 -5.89 1.69
C LYS B 207 -5.23 -4.71 1.09
N SER B 208 -5.89 -4.04 0.14
CA SER B 208 -5.34 -2.89 -0.53
C SER B 208 -5.23 -1.67 0.39
N ARG B 209 -6.37 -1.19 0.84
CA ARG B 209 -6.44 -0.03 1.71
C ARG B 209 -5.48 -0.04 2.90
N HIS B 210 -5.15 -1.22 3.41
CA HIS B 210 -4.24 -1.30 4.55
C HIS B 210 -2.77 -1.58 4.22
N ARG B 211 -2.43 -1.50 2.93
CA ARG B 211 -1.06 -1.71 2.49
C ARG B 211 -0.47 -3.09 2.81
N LEU B 212 -1.26 -4.14 2.61
CA LEU B 212 -0.77 -5.49 2.87
C LEU B 212 -0.08 -6.06 1.64
N GLN B 213 0.89 -6.94 1.86
CA GLN B 213 1.61 -7.58 0.77
C GLN B 213 0.60 -8.36 -0.05
N ASP B 214 1.00 -8.76 -1.25
CA ASP B 214 0.09 -9.53 -2.07
C ASP B 214 -0.22 -10.84 -1.34
N ASN B 215 0.83 -11.46 -0.78
CA ASN B 215 0.67 -12.70 -0.06
C ASN B 215 0.34 -12.41 1.40
N VAL B 216 -0.92 -12.06 1.61
CA VAL B 216 -1.50 -11.72 2.91
C VAL B 216 -0.97 -12.52 4.11
N ARG B 217 -0.58 -13.76 3.88
CA ARG B 217 -0.06 -14.61 4.96
C ARG B 217 1.24 -14.05 5.50
N GLU B 218 2.07 -13.52 4.60
CA GLU B 218 3.35 -12.95 4.98
C GLU B 218 3.26 -11.76 5.92
N ASP B 219 2.19 -10.98 5.81
CA ASP B 219 2.02 -9.85 6.71
C ASP B 219 1.69 -10.40 8.08
N LEU B 220 0.92 -11.49 8.09
CA LEU B 220 0.53 -12.14 9.32
C LEU B 220 1.76 -12.75 10.02
N TYR B 221 2.57 -13.48 9.27
CA TYR B 221 3.77 -14.12 9.82
C TYR B 221 4.75 -13.08 10.36
N GLU B 222 4.94 -12.00 9.61
CA GLU B 222 5.84 -10.92 10.04
C GLU B 222 5.36 -10.30 11.34
N ALA B 223 4.06 -10.03 11.41
CA ALA B 223 3.45 -9.47 12.60
C ALA B 223 3.73 -10.35 13.78
N ALA B 224 3.56 -11.65 13.57
CA ALA B 224 3.79 -12.62 14.62
C ALA B 224 5.25 -12.61 15.10
N ASP B 225 6.18 -12.61 14.14
CA ASP B 225 7.60 -12.59 14.48
C ASP B 225 7.95 -11.32 15.24
N LYS B 226 7.38 -10.21 14.79
CA LYS B 226 7.60 -8.93 15.42
C LYS B 226 7.20 -9.06 16.89
N TRP B 227 6.05 -9.70 17.12
CA TRP B 227 5.57 -9.87 18.48
C TRP B 227 6.46 -10.79 19.31
N VAL B 228 6.77 -11.99 18.81
CA VAL B 228 7.63 -12.89 19.59
C VAL B 228 8.96 -12.22 19.87
N ALA B 229 9.51 -11.55 18.87
CA ALA B 229 10.77 -10.83 19.03
C ALA B 229 10.62 -9.80 20.14
N ALA B 230 9.53 -9.07 20.12
CA ALA B 230 9.27 -8.05 21.13
C ALA B 230 9.20 -8.70 22.50
N VAL B 231 8.51 -9.82 22.61
CA VAL B 231 8.41 -10.51 23.89
C VAL B 231 9.80 -10.93 24.34
N GLY B 232 10.61 -11.36 23.39
CA GLY B 232 11.97 -11.78 23.67
C GLY B 232 12.05 -13.17 24.24
N LYS B 233 13.27 -13.62 24.55
CA LYS B 233 13.49 -14.94 25.12
C LYS B 233 13.80 -14.91 26.62
N ASP B 234 13.75 -13.71 27.20
CA ASP B 234 14.04 -13.54 28.62
C ASP B 234 12.78 -13.54 29.49
N ARG B 235 11.62 -13.72 28.89
CA ARG B 235 10.36 -13.69 29.64
C ARG B 235 9.25 -14.45 28.95
N PRO B 236 8.36 -15.05 29.74
CA PRO B 236 7.21 -15.83 29.24
C PRO B 236 6.32 -14.97 28.36
N PHE B 237 5.91 -13.84 28.91
CA PHE B 237 5.05 -12.91 28.21
C PHE B 237 5.64 -11.52 28.31
N MET B 238 5.08 -10.58 27.56
CA MET B 238 5.54 -9.21 27.62
C MET B 238 5.34 -8.72 29.04
N GLY B 239 4.28 -9.20 29.68
CA GLY B 239 4.00 -8.83 31.05
C GLY B 239 4.99 -9.51 31.97
N GLY B 240 5.96 -10.21 31.39
CA GLY B 240 6.97 -10.90 32.16
C GLY B 240 6.53 -12.21 32.78
N GLN B 241 6.40 -12.23 34.11
CA GLN B 241 6.00 -13.42 34.83
C GLN B 241 4.62 -13.93 34.39
N LYS B 242 3.64 -13.03 34.43
CA LYS B 242 2.28 -13.32 34.02
C LYS B 242 2.02 -12.38 32.85
N PRO B 243 0.93 -12.61 32.09
CA PRO B 243 0.61 -11.75 30.95
C PRO B 243 0.06 -10.38 31.37
N ASN B 244 0.38 -9.34 30.62
CA ASN B 244 -0.17 -8.03 30.93
C ASN B 244 -1.20 -7.71 29.83
N LEU B 245 -1.75 -6.50 29.84
CA LEU B 245 -2.75 -6.13 28.83
C LEU B 245 -2.30 -6.30 27.38
N ALA B 246 -1.00 -6.20 27.12
CA ALA B 246 -0.51 -6.38 25.75
C ALA B 246 -0.60 -7.84 25.31
N ASP B 247 -0.20 -8.76 26.17
CA ASP B 247 -0.27 -10.18 25.83
C ASP B 247 -1.71 -10.55 25.57
N LEU B 248 -2.57 -10.07 26.47
CA LEU B 248 -4.01 -10.35 26.34
C LEU B 248 -4.54 -9.74 25.07
N ALA B 249 -4.03 -8.58 24.69
CA ALA B 249 -4.49 -7.91 23.47
C ALA B 249 -4.16 -8.71 22.21
N VAL B 250 -2.88 -9.02 22.02
CA VAL B 250 -2.47 -9.76 20.84
C VAL B 250 -3.18 -11.11 20.81
N TYR B 251 -3.17 -11.79 21.95
CA TYR B 251 -3.82 -13.09 22.08
C TYR B 251 -5.30 -12.95 21.72
N GLY B 252 -5.98 -12.02 22.39
CA GLY B 252 -7.38 -11.78 22.14
C GLY B 252 -7.64 -11.57 20.66
N VAL B 253 -6.82 -10.78 20.02
CA VAL B 253 -6.96 -10.51 18.59
C VAL B 253 -6.74 -11.77 17.74
N LEU B 254 -5.69 -12.54 18.04
CA LEU B 254 -5.38 -13.73 17.26
C LEU B 254 -6.36 -14.88 17.44
N ARG B 255 -6.87 -15.06 18.66
CA ARG B 255 -7.78 -16.19 18.91
C ARG B 255 -8.96 -16.26 17.96
N VAL B 256 -9.56 -15.12 17.64
CA VAL B 256 -10.69 -15.09 16.74
C VAL B 256 -10.54 -16.02 15.53
N MET B 257 -9.29 -16.31 15.14
CA MET B 257 -9.05 -17.15 13.99
C MET B 257 -8.94 -18.64 14.33
N GLU B 258 -8.98 -18.98 15.60
CA GLU B 258 -8.88 -20.37 15.97
C GLU B 258 -9.89 -21.20 15.20
N GLY B 259 -9.41 -22.28 14.59
CA GLY B 259 -10.28 -23.13 13.83
C GLY B 259 -10.19 -22.87 12.35
N LEU B 260 -9.62 -21.73 11.98
CA LEU B 260 -9.49 -21.40 10.57
C LEU B 260 -8.11 -21.71 10.01
N ASP B 261 -8.04 -21.84 8.69
CA ASP B 261 -6.78 -22.14 8.04
C ASP B 261 -5.71 -21.16 8.43
N ALA B 262 -6.02 -19.87 8.34
CA ALA B 262 -5.05 -18.84 8.68
C ALA B 262 -4.37 -19.13 10.01
N PHE B 263 -5.15 -19.56 11.01
CA PHE B 263 -4.58 -19.84 12.32
C PHE B 263 -3.57 -20.99 12.29
N ASP B 264 -3.91 -22.09 11.65
CA ASP B 264 -2.97 -23.20 11.58
C ASP B 264 -1.73 -22.72 10.84
N ASP B 265 -1.92 -22.01 9.75
CA ASP B 265 -0.77 -21.49 9.03
C ASP B 265 0.06 -20.69 10.02
N LEU B 266 -0.56 -19.68 10.62
CA LEU B 266 0.11 -18.81 11.59
C LEU B 266 0.94 -19.63 12.57
N MET B 267 0.32 -20.64 13.15
CA MET B 267 0.96 -21.52 14.12
C MET B 267 2.13 -22.33 13.57
N GLN B 268 1.98 -22.83 12.35
CA GLN B 268 2.99 -23.67 11.71
C GLN B 268 4.18 -22.96 11.06
N HIS B 269 4.09 -21.65 10.86
CA HIS B 269 5.18 -20.93 10.22
C HIS B 269 5.75 -19.76 11.01
N THR B 270 5.54 -19.67 12.32
CA THR B 270 6.04 -18.49 13.02
C THR B 270 6.71 -18.52 14.39
N HIS B 271 6.79 -19.66 15.05
CA HIS B 271 7.43 -19.69 16.38
C HIS B 271 6.63 -18.93 17.42
N ILE B 272 5.38 -18.60 17.10
CA ILE B 272 4.53 -17.85 18.03
C ILE B 272 3.65 -18.76 18.88
N GLN B 273 3.57 -20.04 18.51
CA GLN B 273 2.72 -20.96 19.25
C GLN B 273 3.09 -21.11 20.73
N PRO B 274 4.38 -21.29 21.04
CA PRO B 274 4.68 -21.43 22.46
C PRO B 274 4.13 -20.27 23.32
N TRP B 275 4.32 -19.03 22.87
CA TRP B 275 3.80 -17.90 23.63
C TRP B 275 2.28 -17.95 23.71
N TYR B 276 1.65 -18.30 22.58
CA TYR B 276 0.21 -18.37 22.50
C TYR B 276 -0.36 -19.38 23.49
N LEU B 277 0.19 -20.59 23.48
CA LEU B 277 -0.29 -21.62 24.38
C LEU B 277 -0.02 -21.24 25.83
N ARG B 278 1.04 -20.49 26.05
CA ARG B 278 1.39 -20.07 27.39
C ARG B 278 0.32 -19.13 27.94
N VAL B 279 -0.24 -18.27 27.07
CA VAL B 279 -1.28 -17.34 27.49
C VAL B 279 -2.58 -18.11 27.68
N GLU B 280 -2.84 -19.02 26.75
CA GLU B 280 -4.05 -19.82 26.81
C GLU B 280 -4.13 -20.62 28.11
N ARG B 281 -3.02 -21.22 28.52
CA ARG B 281 -3.03 -22.00 29.75
C ARG B 281 -2.97 -21.07 30.95
N ALA B 282 -2.33 -19.91 30.78
CA ALA B 282 -2.29 -18.95 31.89
C ALA B 282 -3.74 -18.52 32.17
N ILE B 283 -4.57 -18.49 31.13
CA ILE B 283 -5.97 -18.12 31.28
C ILE B 283 -6.78 -19.27 31.87
N THR B 284 -6.76 -20.42 31.21
CA THR B 284 -7.51 -21.57 31.70
C THR B 284 -7.23 -21.82 33.18
N GLU B 285 -6.08 -21.37 33.67
CA GLU B 285 -5.78 -21.56 35.08
C GLU B 285 -6.45 -20.46 35.89
N ALA B 286 -7.68 -20.14 35.50
CA ALA B 286 -8.52 -19.12 36.15
C ALA B 286 -7.73 -18.20 37.04
N LEU C 13 7.16 -39.17 -15.99
CA LEU C 13 6.71 -37.75 -16.18
C LEU C 13 5.19 -37.64 -16.15
N GLN C 14 4.64 -37.51 -14.94
CA GLN C 14 3.20 -37.39 -14.77
C GLN C 14 2.75 -35.94 -14.80
N LEU C 15 1.72 -35.67 -15.60
CA LEU C 15 1.18 -34.32 -15.72
C LEU C 15 -0.27 -34.22 -15.24
N THR C 16 -0.52 -33.25 -14.36
CA THR C 16 -1.86 -32.99 -13.87
C THR C 16 -2.14 -31.56 -14.29
N LEU C 17 -3.23 -31.36 -15.03
CA LEU C 17 -3.63 -30.05 -15.50
C LEU C 17 -4.87 -29.57 -14.77
N TYR C 18 -4.75 -28.51 -13.97
CA TYR C 18 -5.91 -27.96 -13.25
C TYR C 18 -6.46 -26.96 -14.23
N GLN C 19 -7.75 -27.04 -14.57
CA GLN C 19 -8.30 -26.14 -15.58
C GLN C 19 -9.79 -25.82 -15.51
N TYR C 20 -10.21 -25.00 -16.47
CA TYR C 20 -11.59 -24.64 -16.68
C TYR C 20 -11.62 -25.08 -18.14
N LYS C 21 -12.28 -26.20 -18.41
CA LYS C 21 -12.30 -26.72 -19.78
C LYS C 21 -12.64 -25.74 -20.90
N THR C 22 -13.71 -24.97 -20.72
CA THR C 22 -14.14 -24.03 -21.74
C THR C 22 -13.36 -22.71 -21.75
N CYS C 23 -12.35 -22.62 -20.89
CA CYS C 23 -11.51 -21.42 -20.78
C CYS C 23 -10.37 -21.49 -21.80
N PRO C 24 -10.27 -20.49 -22.69
CA PRO C 24 -9.22 -20.47 -23.72
C PRO C 24 -7.82 -20.77 -23.23
N PHE C 25 -7.44 -20.23 -22.09
CA PHE C 25 -6.09 -20.48 -21.60
C PHE C 25 -5.82 -21.96 -21.33
N CYS C 26 -6.86 -22.68 -20.92
CA CYS C 26 -6.72 -24.09 -20.67
C CYS C 26 -6.82 -24.83 -22.00
N SER C 27 -7.76 -24.45 -22.84
CA SER C 27 -7.90 -25.08 -24.12
C SER C 27 -6.53 -25.07 -24.79
N LYS C 28 -5.76 -24.00 -24.57
CA LYS C 28 -4.45 -23.92 -25.18
C LYS C 28 -3.54 -25.02 -24.67
N VAL C 29 -3.47 -25.17 -23.36
CA VAL C 29 -2.58 -26.19 -22.81
C VAL C 29 -2.97 -27.56 -23.33
N ARG C 30 -4.27 -27.83 -23.38
CA ARG C 30 -4.74 -29.12 -23.86
C ARG C 30 -4.39 -29.35 -25.32
N ALA C 31 -4.52 -28.30 -26.13
CA ALA C 31 -4.20 -28.43 -27.55
C ALA C 31 -2.75 -28.86 -27.67
N PHE C 32 -1.91 -28.33 -26.80
CA PHE C 32 -0.49 -28.64 -26.81
C PHE C 32 -0.20 -30.06 -26.33
N LEU C 33 -0.72 -30.40 -25.16
CA LEU C 33 -0.52 -31.74 -24.63
C LEU C 33 -1.08 -32.76 -25.63
N ASP C 34 -2.30 -32.51 -26.10
CA ASP C 34 -2.94 -33.40 -27.05
C ASP C 34 -2.08 -33.65 -28.27
N PHE C 35 -1.59 -32.58 -28.87
CA PHE C 35 -0.77 -32.72 -30.07
C PHE C 35 0.55 -33.43 -29.84
N HIS C 36 1.15 -33.21 -28.68
CA HIS C 36 2.42 -33.85 -28.38
C HIS C 36 2.18 -35.13 -27.64
N ALA C 37 0.99 -35.68 -27.87
CA ALA C 37 0.56 -36.94 -27.28
C ALA C 37 1.13 -37.18 -25.89
N LEU C 38 1.11 -36.16 -25.04
CA LEU C 38 1.62 -36.31 -23.70
C LEU C 38 0.48 -36.75 -22.79
N PRO C 39 0.71 -37.81 -22.01
CA PRO C 39 -0.37 -38.24 -21.13
C PRO C 39 -0.48 -37.29 -19.94
N TYR C 40 -1.71 -36.94 -19.59
CA TYR C 40 -1.95 -36.05 -18.46
C TYR C 40 -3.34 -36.29 -17.87
N GLN C 41 -3.49 -35.90 -16.62
CA GLN C 41 -4.78 -36.02 -15.97
C GLN C 41 -5.30 -34.61 -15.80
N VAL C 42 -6.61 -34.47 -15.86
CA VAL C 42 -7.16 -33.14 -15.67
C VAL C 42 -8.04 -33.13 -14.47
N VAL C 43 -7.88 -32.10 -13.65
CA VAL C 43 -8.74 -31.97 -12.51
C VAL C 43 -9.43 -30.65 -12.81
N GLU C 44 -10.73 -30.72 -13.02
CA GLU C 44 -11.57 -29.56 -13.34
C GLU C 44 -11.74 -28.69 -12.10
N VAL C 45 -11.42 -27.41 -12.22
CA VAL C 45 -11.54 -26.50 -11.11
C VAL C 45 -12.91 -25.84 -11.01
N ASN C 46 -13.49 -25.84 -9.82
CA ASN C 46 -14.79 -25.22 -9.59
C ASN C 46 -14.52 -23.72 -9.63
N PRO C 47 -14.99 -23.04 -10.69
CA PRO C 47 -14.78 -21.59 -10.83
C PRO C 47 -15.28 -20.70 -9.70
N VAL C 48 -16.20 -21.21 -8.87
CA VAL C 48 -16.71 -20.39 -7.79
C VAL C 48 -15.87 -20.57 -6.54
N LEU C 49 -15.71 -21.80 -6.07
CA LEU C 49 -14.95 -22.06 -4.85
C LEU C 49 -13.47 -22.29 -5.09
N ARG C 50 -13.14 -22.78 -6.27
CA ARG C 50 -11.75 -23.02 -6.65
C ARG C 50 -10.94 -23.83 -5.63
N ALA C 51 -11.61 -24.71 -4.92
CA ALA C 51 -10.96 -25.50 -3.90
C ALA C 51 -9.80 -26.36 -4.42
N GLU C 52 -10.01 -26.99 -5.57
CA GLU C 52 -8.98 -27.84 -6.13
C GLU C 52 -7.68 -27.14 -6.45
N ILE C 53 -7.68 -25.82 -6.34
CA ILE C 53 -6.49 -25.03 -6.62
C ILE C 53 -5.84 -24.54 -5.34
N LYS C 54 -6.58 -24.61 -4.24
CA LYS C 54 -6.07 -24.19 -2.93
C LYS C 54 -4.93 -25.12 -2.56
N PHE C 55 -3.72 -24.70 -2.90
CA PHE C 55 -2.49 -25.45 -2.65
C PHE C 55 -1.44 -24.66 -3.41
N SER C 56 -1.92 -23.89 -4.38
CA SER C 56 -1.07 -23.06 -5.21
C SER C 56 -1.15 -21.63 -4.77
N SER C 57 0.00 -20.99 -4.64
CA SER C 57 0.03 -19.60 -4.26
C SER C 57 -0.31 -18.81 -5.51
N TYR C 58 -0.21 -19.47 -6.66
CA TYR C 58 -0.53 -18.86 -7.95
C TYR C 58 -2.04 -19.02 -8.09
N ARG C 59 -2.73 -17.90 -8.19
CA ARG C 59 -4.18 -17.88 -8.21
C ARG C 59 -4.91 -17.86 -9.54
N LYS C 60 -4.30 -18.37 -10.59
CA LYS C 60 -4.99 -18.38 -11.88
C LYS C 60 -4.94 -19.77 -12.47
N VAL C 61 -5.93 -20.15 -13.25
CA VAL C 61 -5.89 -21.45 -13.88
C VAL C 61 -5.80 -21.10 -15.36
N PRO C 62 -5.18 -21.96 -16.17
CA PRO C 62 -4.55 -23.23 -15.81
C PRO C 62 -3.24 -23.23 -15.01
N ILE C 63 -3.04 -24.33 -14.30
CA ILE C 63 -1.84 -24.60 -13.53
C ILE C 63 -1.53 -26.04 -13.91
N LEU C 64 -0.26 -26.38 -14.07
CA LEU C 64 0.04 -27.78 -14.40
C LEU C 64 1.22 -28.26 -13.56
N VAL C 65 1.03 -29.27 -12.72
CA VAL C 65 2.15 -29.76 -11.93
C VAL C 65 2.70 -31.02 -12.58
N ALA C 66 3.99 -31.02 -12.84
CA ALA C 66 4.63 -32.16 -13.45
C ALA C 66 5.37 -32.93 -12.36
N GLN C 67 5.30 -34.26 -12.42
CA GLN C 67 5.99 -35.09 -11.44
C GLN C 67 6.91 -36.14 -12.05
N GLU C 68 8.11 -36.23 -11.47
CA GLU C 68 9.11 -37.20 -11.88
C GLU C 68 9.36 -38.02 -10.63
N GLY C 69 8.44 -38.94 -10.35
CA GLY C 69 8.56 -39.75 -9.16
C GLY C 69 8.49 -38.90 -7.92
N GLU C 70 9.65 -38.60 -7.34
CA GLU C 70 9.73 -37.80 -6.12
C GLU C 70 9.67 -36.30 -6.40
N SER C 71 10.38 -35.85 -7.43
CA SER C 71 10.39 -34.44 -7.80
C SER C 71 9.04 -34.01 -8.38
N SER C 72 8.79 -32.71 -8.34
CA SER C 72 7.55 -32.17 -8.86
C SER C 72 7.63 -30.66 -8.88
N GLN C 73 7.36 -30.08 -10.03
CA GLN C 73 7.37 -28.64 -10.16
C GLN C 73 6.02 -28.15 -10.66
N GLN C 74 5.65 -26.93 -10.29
CA GLN C 74 4.38 -26.35 -10.72
C GLN C 74 4.60 -25.32 -11.84
N LEU C 75 4.02 -25.56 -13.01
CA LEU C 75 4.17 -24.62 -14.12
C LEU C 75 2.92 -23.77 -14.09
N ASN C 76 3.05 -22.44 -14.15
CA ASN C 76 1.88 -21.58 -14.06
C ASN C 76 1.22 -20.92 -15.27
N ASP C 77 1.83 -19.94 -15.92
CA ASP C 77 1.12 -19.34 -17.03
C ASP C 77 0.83 -20.39 -18.11
N SER C 78 -0.27 -20.24 -18.84
CA SER C 78 -0.62 -21.22 -19.87
C SER C 78 0.42 -21.28 -20.98
N SER C 79 0.98 -20.13 -21.33
CA SER C 79 1.97 -20.09 -22.39
C SER C 79 3.31 -20.56 -21.83
N VAL C 80 3.53 -20.31 -20.53
CA VAL C 80 4.77 -20.72 -19.88
C VAL C 80 4.79 -22.24 -19.77
N ILE C 81 3.63 -22.82 -19.50
CA ILE C 81 3.51 -24.25 -19.37
C ILE C 81 3.89 -24.85 -20.73
N ILE C 82 3.27 -24.33 -21.77
CA ILE C 82 3.54 -24.82 -23.11
C ILE C 82 5.02 -24.65 -23.49
N SER C 83 5.61 -23.50 -23.20
CA SER C 83 7.00 -23.26 -23.56
C SER C 83 7.97 -24.10 -22.74
N ALA C 84 7.65 -24.29 -21.48
CA ALA C 84 8.50 -25.08 -20.62
C ALA C 84 8.47 -26.52 -21.16
N LEU C 85 7.29 -27.13 -21.15
CA LEU C 85 7.07 -28.50 -21.62
C LEU C 85 7.66 -28.76 -23.00
N LYS C 86 7.45 -27.82 -23.93
CA LYS C 86 7.98 -27.97 -25.27
C LYS C 86 9.53 -28.01 -25.32
N THR C 87 10.20 -27.06 -24.68
CA THR C 87 11.66 -27.08 -24.70
C THR C 87 12.08 -28.35 -23.97
N TYR C 88 11.24 -28.79 -23.04
CA TYR C 88 11.54 -30.01 -22.31
C TYR C 88 11.53 -31.22 -23.26
N LEU C 89 10.54 -31.28 -24.13
CA LEU C 89 10.44 -32.38 -25.06
C LEU C 89 11.59 -32.39 -26.06
N VAL C 90 12.20 -31.25 -26.36
CA VAL C 90 13.29 -31.28 -27.33
C VAL C 90 14.71 -31.24 -26.75
N SER C 91 14.89 -30.60 -25.61
CA SER C 91 16.21 -30.50 -25.01
C SER C 91 16.46 -31.60 -23.97
N GLY C 92 15.41 -32.15 -23.41
CA GLY C 92 15.59 -33.19 -22.41
C GLY C 92 16.07 -32.60 -21.10
N GLN C 93 16.47 -31.33 -21.11
CA GLN C 93 16.95 -30.66 -19.91
C GLN C 93 15.94 -30.81 -18.76
N PRO C 94 16.43 -31.04 -17.54
CA PRO C 94 15.51 -31.20 -16.39
C PRO C 94 14.54 -30.02 -16.22
N LEU C 95 13.25 -30.34 -16.21
CA LEU C 95 12.17 -29.37 -16.09
C LEU C 95 12.29 -28.41 -14.90
N GLU C 96 12.90 -28.86 -13.81
CA GLU C 96 13.04 -28.01 -12.64
C GLU C 96 13.98 -26.83 -12.93
N GLU C 97 14.80 -26.97 -13.96
CA GLU C 97 15.74 -25.92 -14.34
C GLU C 97 15.12 -25.05 -15.42
N ILE C 98 14.30 -25.65 -16.26
CA ILE C 98 13.67 -24.90 -17.35
C ILE C 98 12.66 -23.83 -16.90
N ILE C 99 11.83 -24.13 -15.89
CA ILE C 99 10.83 -23.15 -15.43
C ILE C 99 11.55 -21.95 -14.82
N THR C 100 12.86 -22.13 -14.65
CA THR C 100 13.71 -21.09 -14.12
C THR C 100 13.95 -20.00 -15.19
N TYR C 101 13.88 -20.39 -16.46
CA TYR C 101 14.08 -19.45 -17.55
C TYR C 101 12.82 -18.68 -17.91
N TYR C 102 11.76 -18.86 -17.12
CA TYR C 102 10.48 -18.19 -17.34
C TYR C 102 10.06 -17.60 -15.99
N PRO C 103 10.92 -16.76 -15.44
CA PRO C 103 10.72 -16.08 -14.17
C PRO C 103 9.42 -15.32 -14.05
N ALA C 104 8.83 -15.38 -12.86
CA ALA C 104 7.59 -14.68 -12.57
C ALA C 104 8.00 -13.25 -12.22
N MET C 105 7.59 -12.30 -13.05
CA MET C 105 7.95 -10.91 -12.82
C MET C 105 6.82 -10.10 -12.18
N LYS C 106 6.97 -9.86 -10.88
CA LYS C 106 6.00 -9.08 -10.13
C LYS C 106 6.28 -7.60 -10.39
N ALA C 107 5.26 -6.77 -10.32
CA ALA C 107 5.41 -5.35 -10.57
C ALA C 107 4.12 -4.69 -10.16
N VAL C 108 4.21 -3.47 -9.64
CA VAL C 108 2.99 -2.79 -9.22
C VAL C 108 2.40 -1.97 -10.35
N ASN C 109 1.16 -2.30 -10.67
CA ASN C 109 0.38 -1.67 -11.73
C ASN C 109 0.43 -0.16 -11.62
N ASP C 110 0.15 0.52 -12.73
CA ASP C 110 0.13 1.99 -12.75
C ASP C 110 -1.13 2.41 -12.00
N GLN C 111 -1.97 1.43 -11.66
CA GLN C 111 -3.20 1.68 -10.94
C GLN C 111 -3.02 1.21 -9.50
N GLY C 112 -1.81 0.75 -9.19
CA GLY C 112 -1.49 0.30 -7.85
C GLY C 112 -1.74 -1.17 -7.57
N LYS C 113 -2.01 -1.95 -8.61
CA LYS C 113 -2.27 -3.37 -8.44
C LYS C 113 -1.05 -4.26 -8.71
N GLU C 114 -0.82 -5.23 -7.83
CA GLU C 114 0.28 -6.19 -7.96
C GLU C 114 0.00 -7.09 -9.15
N VAL C 115 0.84 -7.04 -10.17
CA VAL C 115 0.63 -7.91 -11.32
C VAL C 115 1.87 -8.74 -11.66
N THR C 116 1.62 -9.97 -12.10
CA THR C 116 2.70 -10.88 -12.44
C THR C 116 2.70 -11.24 -13.91
N GLU C 117 3.83 -11.04 -14.57
CA GLU C 117 3.95 -11.39 -15.97
C GLU C 117 5.11 -12.37 -16.03
N PHE C 118 5.09 -13.28 -16.99
CA PHE C 118 6.17 -14.26 -17.07
C PHE C 118 7.17 -13.97 -18.18
N GLY C 119 8.42 -13.73 -17.77
CA GLY C 119 9.45 -13.43 -18.74
C GLY C 119 9.71 -14.57 -19.73
N ASN C 120 10.11 -14.19 -20.95
CA ASN C 120 10.43 -15.13 -22.01
C ASN C 120 9.34 -16.12 -22.36
N LYS C 121 8.17 -15.94 -21.75
CA LYS C 121 7.00 -16.79 -21.94
C LYS C 121 6.77 -17.37 -23.36
N TYR C 122 7.12 -16.63 -24.41
CA TYR C 122 6.93 -17.12 -25.76
C TYR C 122 8.22 -17.54 -26.44
N TRP C 123 9.24 -17.83 -25.65
CA TRP C 123 10.51 -18.22 -26.23
C TRP C 123 10.97 -19.60 -25.75
N LEU C 124 11.19 -20.52 -26.70
CA LEU C 124 11.64 -21.86 -26.33
C LEU C 124 13.13 -21.81 -25.99
N MET C 125 13.48 -22.32 -24.82
CA MET C 125 14.88 -22.32 -24.37
C MET C 125 15.68 -23.45 -25.06
N LEU C 126 15.95 -23.26 -26.35
CA LEU C 126 16.67 -24.23 -27.16
C LEU C 126 18.02 -23.73 -27.66
N ASN C 127 18.92 -24.67 -27.98
CA ASN C 127 20.24 -24.32 -28.51
C ASN C 127 20.18 -24.46 -30.03
N GLU C 128 21.24 -24.05 -30.73
CA GLU C 128 21.27 -24.10 -32.19
C GLU C 128 20.72 -25.40 -32.79
N LYS C 129 21.32 -26.53 -32.44
CA LYS C 129 20.84 -27.81 -32.96
C LYS C 129 19.34 -27.93 -32.76
N GLU C 130 18.93 -27.94 -31.50
CA GLU C 130 17.54 -28.05 -31.12
C GLU C 130 16.62 -27.17 -31.95
N ALA C 131 16.93 -25.88 -32.01
CA ALA C 131 16.10 -24.96 -32.78
C ALA C 131 15.92 -25.41 -34.21
N GLN C 132 17.03 -25.71 -34.90
CA GLN C 132 16.98 -26.15 -36.29
C GLN C 132 16.08 -27.36 -36.40
N GLN C 133 16.06 -28.13 -35.33
CA GLN C 133 15.25 -29.32 -35.29
C GLN C 133 13.76 -29.02 -35.23
N VAL C 134 13.38 -27.89 -34.65
CA VAL C 134 11.95 -27.56 -34.56
C VAL C 134 11.47 -26.40 -35.45
N TYR C 135 12.40 -25.57 -35.95
CA TYR C 135 12.02 -24.44 -36.79
C TYR C 135 12.65 -24.45 -38.17
N SER C 136 13.93 -24.76 -38.23
CA SER C 136 14.65 -24.74 -39.50
C SER C 136 14.17 -23.48 -40.22
N GLY C 137 14.68 -22.36 -39.70
CA GLY C 137 14.31 -21.07 -40.23
C GLY C 137 14.26 -20.11 -39.07
N LYS C 138 15.33 -19.33 -38.91
CA LYS C 138 15.42 -18.33 -37.85
C LYS C 138 14.17 -17.46 -37.75
N GLU C 139 13.68 -17.00 -38.90
CA GLU C 139 12.48 -16.17 -38.90
C GLU C 139 11.22 -16.93 -38.52
N ALA C 140 11.19 -18.22 -38.80
CA ALA C 140 10.03 -19.05 -38.47
C ALA C 140 9.85 -19.10 -36.96
N ARG C 141 10.95 -18.95 -36.23
CA ARG C 141 10.95 -19.00 -34.78
C ARG C 141 10.38 -17.74 -34.15
N THR C 142 10.80 -16.58 -34.64
CA THR C 142 10.30 -15.33 -34.10
C THR C 142 8.87 -15.17 -34.57
N GLU C 143 8.51 -15.87 -35.64
CA GLU C 143 7.15 -15.77 -36.14
C GLU C 143 6.15 -16.40 -35.18
N GLU C 144 6.36 -17.65 -34.75
CA GLU C 144 5.38 -18.23 -33.85
C GLU C 144 5.31 -17.40 -32.57
N MET C 145 6.45 -16.86 -32.16
CA MET C 145 6.48 -16.02 -30.97
C MET C 145 5.50 -14.85 -31.16
N LYS C 146 5.59 -14.18 -32.31
CA LYS C 146 4.71 -13.05 -32.59
C LYS C 146 3.22 -13.44 -32.63
N TRP C 147 2.91 -14.59 -33.21
CA TRP C 147 1.52 -15.01 -33.27
C TRP C 147 1.04 -15.68 -31.99
N ARG C 148 1.97 -16.22 -31.22
CA ARG C 148 1.60 -16.82 -29.95
C ARG C 148 1.05 -15.69 -29.09
N GLN C 149 1.82 -14.61 -29.01
CA GLN C 149 1.42 -13.43 -28.25
C GLN C 149 0.15 -12.82 -28.83
N TRP C 150 -0.02 -12.91 -30.14
CA TRP C 150 -1.20 -12.36 -30.79
C TRP C 150 -2.42 -13.15 -30.37
N ALA C 151 -2.25 -14.47 -30.24
CA ALA C 151 -3.36 -15.32 -29.86
C ALA C 151 -3.98 -14.87 -28.55
N ASP C 152 -3.18 -14.66 -27.51
CA ASP C 152 -3.84 -14.27 -26.28
C ASP C 152 -3.88 -12.80 -25.88
N ASP C 153 -3.35 -11.92 -26.73
CA ASP C 153 -3.42 -10.50 -26.44
C ASP C 153 -4.46 -9.85 -27.32
N TRP C 154 -4.88 -10.54 -28.37
CA TRP C 154 -5.92 -10.02 -29.24
C TRP C 154 -7.04 -11.02 -29.53
N LEU C 155 -6.69 -12.18 -30.08
CA LEU C 155 -7.69 -13.18 -30.41
C LEU C 155 -8.62 -13.54 -29.25
N VAL C 156 -8.08 -13.84 -28.07
CA VAL C 156 -8.94 -14.22 -26.97
C VAL C 156 -9.92 -13.13 -26.56
N HIS C 157 -9.53 -11.87 -26.70
CA HIS C 157 -10.42 -10.79 -26.32
C HIS C 157 -11.64 -10.67 -27.24
N LEU C 158 -11.66 -11.50 -28.28
CA LEU C 158 -12.75 -11.50 -29.21
C LEU C 158 -13.80 -12.55 -28.85
N ILE C 159 -13.47 -13.42 -27.90
CA ILE C 159 -14.36 -14.50 -27.53
C ILE C 159 -15.60 -14.11 -26.73
N SER C 160 -15.38 -13.61 -25.52
CA SER C 160 -16.51 -13.22 -24.69
C SER C 160 -17.53 -12.36 -25.40
N PRO C 161 -17.12 -11.19 -25.92
CA PRO C 161 -18.09 -10.35 -26.62
C PRO C 161 -18.82 -11.06 -27.76
N ASN C 162 -18.23 -12.12 -28.29
CA ASN C 162 -18.86 -12.86 -29.37
C ASN C 162 -19.80 -13.96 -28.89
N VAL C 163 -19.37 -14.72 -27.89
CA VAL C 163 -20.19 -15.80 -27.37
C VAL C 163 -21.17 -15.32 -26.30
N TYR C 164 -21.16 -14.02 -26.01
CA TYR C 164 -22.08 -13.44 -25.03
C TYR C 164 -22.71 -12.17 -25.61
N ARG C 165 -22.68 -12.01 -26.93
CA ARG C 165 -23.22 -10.80 -27.51
C ARG C 165 -24.72 -10.71 -27.48
N THR C 166 -25.35 -11.84 -27.24
CA THR C 166 -26.80 -11.89 -27.25
C THR C 166 -27.28 -12.69 -26.04
N PRO C 167 -28.36 -12.25 -25.37
CA PRO C 167 -28.84 -13.00 -24.21
C PRO C 167 -29.01 -14.49 -24.47
N THR C 168 -29.43 -14.85 -25.68
CA THR C 168 -29.58 -16.26 -26.04
C THR C 168 -28.22 -16.95 -26.07
N GLU C 169 -27.28 -16.38 -26.81
CA GLU C 169 -25.94 -16.95 -26.88
C GLU C 169 -25.34 -16.98 -25.48
N ALA C 170 -25.56 -15.92 -24.71
CA ALA C 170 -25.04 -15.84 -23.36
C ALA C 170 -25.48 -17.07 -22.60
N LEU C 171 -26.79 -17.32 -22.60
CA LEU C 171 -27.33 -18.48 -21.91
C LEU C 171 -26.73 -19.77 -22.50
N ALA C 172 -26.67 -19.86 -23.82
CA ALA C 172 -26.13 -21.04 -24.48
C ALA C 172 -24.70 -21.28 -24.03
N SER C 173 -23.94 -20.20 -23.91
CA SER C 173 -22.55 -20.30 -23.49
C SER C 173 -22.41 -20.69 -22.05
N PHE C 174 -23.16 -20.04 -21.16
CA PHE C 174 -23.04 -20.36 -19.75
C PHE C 174 -23.65 -21.70 -19.40
N ASP C 175 -24.51 -22.20 -20.28
CA ASP C 175 -25.12 -23.49 -20.05
C ASP C 175 -24.00 -24.49 -20.26
N TYR C 176 -23.31 -24.28 -21.38
CA TYR C 176 -22.19 -25.08 -21.82
C TYR C 176 -21.04 -24.97 -20.81
N ILE C 177 -21.08 -23.93 -19.97
CA ILE C 177 -20.05 -23.72 -18.95
C ILE C 177 -20.34 -24.58 -17.73
N VAL C 178 -21.58 -24.52 -17.25
CA VAL C 178 -21.98 -25.31 -16.10
C VAL C 178 -21.92 -26.79 -16.38
N ARG C 179 -22.44 -27.22 -17.53
CA ARG C 179 -22.42 -28.63 -17.92
C ARG C 179 -20.98 -29.13 -17.96
N GLU C 180 -20.16 -28.47 -18.76
CA GLU C 180 -18.75 -28.80 -18.95
C GLU C 180 -17.91 -28.80 -17.68
N GLY C 181 -17.88 -27.65 -16.99
CA GLY C 181 -17.09 -27.51 -15.79
C GLY C 181 -17.61 -28.17 -14.52
N LYS C 182 -17.05 -27.76 -13.39
CA LYS C 182 -17.41 -28.31 -12.09
C LYS C 182 -18.24 -27.36 -11.21
N PHE C 183 -19.55 -27.57 -11.21
CA PHE C 183 -20.49 -26.77 -10.42
C PHE C 183 -21.45 -27.71 -9.71
N GLY C 184 -21.74 -27.43 -8.45
CA GLY C 184 -22.69 -28.28 -7.74
C GLY C 184 -24.01 -28.20 -8.48
N ALA C 185 -24.94 -29.08 -8.16
CA ALA C 185 -26.24 -29.08 -8.82
C ALA C 185 -26.95 -27.73 -8.65
N VAL C 186 -26.80 -27.14 -7.47
CA VAL C 186 -27.43 -25.86 -7.15
C VAL C 186 -26.67 -24.64 -7.67
N GLU C 187 -25.38 -24.58 -7.38
CA GLU C 187 -24.56 -23.45 -7.84
C GLU C 187 -24.48 -23.47 -9.36
N GLY C 188 -25.12 -24.47 -9.97
CA GLY C 188 -25.11 -24.58 -11.41
C GLY C 188 -26.35 -23.94 -12.00
N ALA C 189 -27.51 -24.38 -11.53
CA ALA C 189 -28.78 -23.85 -12.01
C ALA C 189 -28.77 -22.33 -11.86
N VAL C 190 -28.35 -21.87 -10.70
CA VAL C 190 -28.27 -20.44 -10.43
C VAL C 190 -27.26 -19.79 -11.35
N ALA C 191 -26.03 -20.29 -11.29
CA ALA C 191 -24.94 -19.77 -12.11
C ALA C 191 -25.25 -19.64 -13.60
N LYS C 192 -26.07 -20.51 -14.14
CA LYS C 192 -26.40 -20.40 -15.56
C LYS C 192 -27.04 -19.05 -15.86
N TYR C 193 -28.06 -18.69 -15.08
CA TYR C 193 -28.76 -17.43 -15.27
C TYR C 193 -28.01 -16.23 -14.71
N MET C 194 -27.54 -16.33 -13.47
CA MET C 194 -26.79 -15.23 -12.89
C MET C 194 -25.57 -15.03 -13.79
N GLY C 195 -24.92 -16.14 -14.14
CA GLY C 195 -23.75 -16.10 -14.98
C GLY C 195 -23.96 -15.46 -16.33
N ALA C 196 -24.94 -15.96 -17.09
CA ALA C 196 -25.22 -15.42 -18.40
C ALA C 196 -25.56 -13.91 -18.31
N ALA C 197 -26.33 -13.54 -17.30
CA ALA C 197 -26.69 -12.15 -17.10
C ALA C 197 -25.42 -11.35 -16.86
N ALA C 198 -24.64 -11.77 -15.86
CA ALA C 198 -23.40 -11.10 -15.55
C ALA C 198 -22.54 -10.98 -16.82
N MET C 199 -22.24 -12.12 -17.43
CA MET C 199 -21.40 -12.11 -18.61
C MET C 199 -21.96 -11.32 -19.79
N TYR C 200 -23.27 -11.30 -19.94
CA TYR C 200 -23.84 -10.55 -21.05
C TYR C 200 -23.51 -9.07 -20.90
N LEU C 201 -23.71 -8.56 -19.69
CA LEU C 201 -23.44 -7.15 -19.37
C LEU C 201 -21.93 -6.89 -19.38
N ILE C 202 -21.18 -7.74 -18.68
CA ILE C 202 -19.75 -7.59 -18.61
C ILE C 202 -19.08 -7.61 -19.98
N SER C 203 -19.57 -8.44 -20.89
CA SER C 203 -19.00 -8.50 -22.24
C SER C 203 -19.19 -7.17 -22.95
N LYS C 204 -20.22 -6.44 -22.55
CA LYS C 204 -20.48 -5.13 -23.16
C LYS C 204 -19.29 -4.22 -22.83
N ARG C 205 -18.85 -4.24 -21.58
CA ARG C 205 -17.73 -3.43 -21.15
C ARG C 205 -16.48 -3.91 -21.89
N LEU C 206 -16.30 -5.23 -21.95
CA LEU C 206 -15.13 -5.78 -22.64
C LEU C 206 -15.15 -5.34 -24.10
N LYS C 207 -16.33 -5.37 -24.74
CA LYS C 207 -16.45 -4.95 -26.12
C LYS C 207 -15.88 -3.55 -26.26
N SER C 208 -16.27 -2.69 -25.33
CA SER C 208 -15.81 -1.32 -25.33
C SER C 208 -14.33 -1.19 -24.99
N ARG C 209 -13.98 -1.57 -23.77
CA ARG C 209 -12.60 -1.49 -23.30
C ARG C 209 -11.55 -2.02 -24.27
N HIS C 210 -11.90 -3.03 -25.06
CA HIS C 210 -10.94 -3.61 -26.01
C HIS C 210 -11.02 -3.07 -27.43
N ARG C 211 -11.71 -1.96 -27.61
CA ARG C 211 -11.83 -1.33 -28.92
C ARG C 211 -12.38 -2.22 -30.03
N LEU C 212 -13.44 -2.97 -29.74
CA LEU C 212 -14.03 -3.84 -30.76
C LEU C 212 -15.11 -3.09 -31.54
N GLN C 213 -15.28 -3.46 -32.80
CA GLN C 213 -16.30 -2.84 -33.64
C GLN C 213 -17.66 -3.08 -33.00
N ASP C 214 -18.66 -2.33 -33.42
CA ASP C 214 -19.98 -2.51 -32.86
C ASP C 214 -20.45 -3.94 -33.17
N ASN C 215 -20.23 -4.38 -34.41
CA ASN C 215 -20.61 -5.72 -34.83
C ASN C 215 -19.48 -6.69 -34.50
N VAL C 216 -19.41 -7.03 -33.22
CA VAL C 216 -18.42 -7.92 -32.67
C VAL C 216 -18.00 -9.09 -33.57
N ARG C 217 -18.90 -9.55 -34.42
CA ARG C 217 -18.58 -10.65 -35.31
C ARG C 217 -17.47 -10.28 -36.29
N GLU C 218 -17.53 -9.05 -36.77
CA GLU C 218 -16.56 -8.56 -37.72
C GLU C 218 -15.13 -8.56 -37.19
N ASP C 219 -14.96 -8.32 -35.90
CA ASP C 219 -13.63 -8.34 -35.35
C ASP C 219 -13.12 -9.79 -35.41
N LEU C 220 -14.03 -10.72 -35.14
CA LEU C 220 -13.69 -12.14 -35.15
C LEU C 220 -13.30 -12.58 -36.57
N TYR C 221 -14.15 -12.27 -37.55
CA TYR C 221 -13.87 -12.65 -38.94
C TYR C 221 -12.54 -12.08 -39.43
N GLU C 222 -12.29 -10.81 -39.13
CA GLU C 222 -11.06 -10.15 -39.53
C GLU C 222 -9.84 -10.83 -38.92
N ALA C 223 -9.92 -11.12 -37.63
CA ALA C 223 -8.83 -11.79 -36.92
C ALA C 223 -8.55 -13.11 -37.62
N ALA C 224 -9.62 -13.82 -37.98
CA ALA C 224 -9.46 -15.10 -38.65
C ALA C 224 -8.80 -14.93 -40.00
N ASP C 225 -9.24 -13.94 -40.78
CA ASP C 225 -8.64 -13.73 -42.08
C ASP C 225 -7.16 -13.40 -41.94
N LYS C 226 -6.87 -12.56 -40.95
CA LYS C 226 -5.50 -12.14 -40.67
C LYS C 226 -4.68 -13.41 -40.47
N TRP C 227 -5.21 -14.34 -39.66
CA TRP C 227 -4.53 -15.60 -39.39
C TRP C 227 -4.34 -16.45 -40.65
N VAL C 228 -5.41 -16.74 -41.39
CA VAL C 228 -5.29 -17.56 -42.59
C VAL C 228 -4.29 -16.92 -43.57
N ALA C 229 -4.39 -15.60 -43.72
CA ALA C 229 -3.49 -14.87 -44.59
C ALA C 229 -2.06 -15.07 -44.10
N ALA C 230 -1.87 -15.02 -42.78
CA ALA C 230 -0.55 -15.19 -42.21
C ALA C 230 -0.03 -16.58 -42.52
N VAL C 231 -0.86 -17.59 -42.33
CA VAL C 231 -0.45 -18.94 -42.60
C VAL C 231 -0.07 -19.03 -44.07
N GLY C 232 -0.84 -18.36 -44.92
CA GLY C 232 -0.58 -18.36 -46.36
C GLY C 232 -1.12 -19.58 -47.06
N LYS C 233 -0.86 -19.68 -48.36
CA LYS C 233 -1.32 -20.83 -49.13
C LYS C 233 -0.17 -21.77 -49.49
N ASP C 234 1.01 -21.47 -48.99
CA ASP C 234 2.20 -22.28 -49.27
C ASP C 234 2.51 -23.30 -48.18
N ARG C 235 1.66 -23.38 -47.17
CA ARG C 235 1.88 -24.32 -46.07
C ARG C 235 0.59 -24.70 -45.32
N PRO C 236 0.51 -25.95 -44.84
CA PRO C 236 -0.65 -26.46 -44.11
C PRO C 236 -0.90 -25.60 -42.87
N PHE C 237 0.14 -25.44 -42.07
CA PHE C 237 0.06 -24.63 -40.86
C PHE C 237 1.21 -23.61 -40.86
N MET C 238 1.18 -22.71 -39.88
CA MET C 238 2.25 -21.74 -39.76
C MET C 238 3.51 -22.57 -39.49
N GLY C 239 3.37 -23.63 -38.71
CA GLY C 239 4.50 -24.48 -38.41
C GLY C 239 4.94 -25.22 -39.66
N GLY C 240 4.25 -24.96 -40.77
CA GLY C 240 4.60 -25.59 -42.02
C GLY C 240 4.03 -26.98 -42.23
N GLN C 241 4.90 -27.98 -42.16
CA GLN C 241 4.48 -29.36 -42.37
C GLN C 241 3.51 -29.81 -41.27
N LYS C 242 3.91 -29.62 -40.03
CA LYS C 242 3.09 -29.95 -38.87
C LYS C 242 2.84 -28.63 -38.16
N PRO C 243 1.90 -28.59 -37.20
CA PRO C 243 1.58 -27.36 -36.47
C PRO C 243 2.66 -27.00 -35.45
N ASN C 244 2.93 -25.71 -35.28
CA ASN C 244 3.90 -25.30 -34.26
C ASN C 244 3.10 -24.67 -33.14
N LEU C 245 3.79 -24.09 -32.17
CA LEU C 245 3.11 -23.46 -31.05
C LEU C 245 2.07 -22.37 -31.43
N ALA C 246 2.28 -21.68 -32.55
CA ALA C 246 1.33 -20.65 -32.96
C ALA C 246 0.01 -21.28 -33.41
N ASP C 247 0.08 -22.31 -34.27
CA ASP C 247 -1.12 -22.98 -34.73
C ASP C 247 -1.91 -23.51 -33.52
N LEU C 248 -1.19 -24.14 -32.60
CA LEU C 248 -1.81 -24.71 -31.43
C LEU C 248 -2.45 -23.62 -30.58
N ALA C 249 -1.82 -22.45 -30.59
CA ALA C 249 -2.29 -21.31 -29.80
C ALA C 249 -3.62 -20.79 -30.35
N VAL C 250 -3.63 -20.42 -31.63
CA VAL C 250 -4.84 -19.89 -32.23
C VAL C 250 -5.95 -20.93 -32.13
N TYR C 251 -5.63 -22.16 -32.52
CA TYR C 251 -6.60 -23.25 -32.46
C TYR C 251 -7.09 -23.37 -31.03
N GLY C 252 -6.16 -23.55 -30.10
CA GLY C 252 -6.55 -23.68 -28.71
C GLY C 252 -7.51 -22.61 -28.28
N VAL C 253 -7.22 -21.37 -28.67
CA VAL C 253 -8.08 -20.25 -28.31
C VAL C 253 -9.45 -20.34 -28.95
N LEU C 254 -9.49 -20.61 -30.24
CA LEU C 254 -10.76 -20.69 -30.93
C LEU C 254 -11.65 -21.87 -30.50
N ARG C 255 -11.06 -23.03 -30.26
CA ARG C 255 -11.85 -24.21 -29.89
C ARG C 255 -12.87 -23.96 -28.79
N VAL C 256 -12.45 -23.24 -27.76
CA VAL C 256 -13.33 -22.93 -26.65
C VAL C 256 -14.76 -22.59 -27.07
N MET C 257 -14.92 -22.07 -28.30
CA MET C 257 -16.25 -21.70 -28.77
C MET C 257 -17.01 -22.81 -29.50
N GLU C 258 -16.37 -23.97 -29.69
CA GLU C 258 -17.03 -25.08 -30.41
C GLU C 258 -18.37 -25.39 -29.79
N GLY C 259 -19.38 -25.45 -30.64
CA GLY C 259 -20.73 -25.72 -30.16
C GLY C 259 -21.57 -24.47 -29.99
N LEU C 260 -20.95 -23.30 -30.03
CA LEU C 260 -21.66 -22.05 -29.87
C LEU C 260 -21.91 -21.40 -31.23
N ASP C 261 -22.84 -20.45 -31.26
CA ASP C 261 -23.15 -19.76 -32.51
C ASP C 261 -21.93 -19.08 -33.12
N ALA C 262 -21.20 -18.33 -32.30
CA ALA C 262 -20.02 -17.61 -32.79
C ALA C 262 -19.11 -18.51 -33.62
N PHE C 263 -18.92 -19.75 -33.17
CA PHE C 263 -18.05 -20.68 -33.89
C PHE C 263 -18.60 -21.03 -35.27
N ASP C 264 -19.90 -21.34 -35.37
CA ASP C 264 -20.46 -21.67 -36.67
C ASP C 264 -20.37 -20.45 -37.56
N ASP C 265 -20.64 -19.28 -37.00
CA ASP C 265 -20.52 -18.06 -37.78
C ASP C 265 -19.09 -17.99 -38.29
N LEU C 266 -18.14 -18.00 -37.35
CA LEU C 266 -16.73 -17.95 -37.67
C LEU C 266 -16.38 -18.90 -38.83
N MET C 267 -16.84 -20.14 -38.71
CA MET C 267 -16.56 -21.15 -39.72
C MET C 267 -17.24 -20.89 -41.06
N GLN C 268 -18.43 -20.33 -41.03
CA GLN C 268 -19.19 -20.08 -42.26
C GLN C 268 -18.86 -18.80 -42.99
N HIS C 269 -18.15 -17.87 -42.35
CA HIS C 269 -17.83 -16.62 -43.03
C HIS C 269 -16.34 -16.30 -43.10
N THR C 270 -15.44 -17.27 -43.01
CA THR C 270 -14.03 -16.86 -43.01
C THR C 270 -12.90 -17.62 -43.72
N HIS C 271 -13.17 -18.77 -44.33
CA HIS C 271 -12.08 -19.50 -45.00
C HIS C 271 -11.06 -20.03 -44.00
N ILE C 272 -11.39 -20.02 -42.71
CA ILE C 272 -10.46 -20.52 -41.71
C ILE C 272 -10.72 -21.99 -41.35
N GLN C 273 -11.86 -22.52 -41.77
CA GLN C 273 -12.18 -23.90 -41.43
C GLN C 273 -11.17 -24.93 -41.91
N PRO C 274 -10.75 -24.86 -43.19
CA PRO C 274 -9.77 -25.85 -43.63
C PRO C 274 -8.51 -25.93 -42.75
N TRP C 275 -7.99 -24.78 -42.34
CA TRP C 275 -6.81 -24.82 -41.47
C TRP C 275 -7.21 -25.40 -40.12
N TYR C 276 -8.36 -24.97 -39.61
CA TYR C 276 -8.84 -25.44 -38.32
C TYR C 276 -8.98 -26.96 -38.29
N LEU C 277 -9.64 -27.53 -39.31
CA LEU C 277 -9.84 -28.98 -39.34
C LEU C 277 -8.53 -29.70 -39.51
N ARG C 278 -7.58 -29.03 -40.16
CA ARG C 278 -6.27 -29.61 -40.40
C ARG C 278 -5.55 -29.82 -39.07
N VAL C 279 -5.69 -28.86 -38.17
CA VAL C 279 -5.06 -28.92 -36.86
C VAL C 279 -5.76 -29.95 -35.99
N GLU C 280 -7.08 -29.95 -36.09
CA GLU C 280 -7.90 -30.88 -35.33
C GLU C 280 -7.54 -32.32 -35.70
N ARG C 281 -7.41 -32.61 -36.99
CA ARG C 281 -7.09 -33.97 -37.36
C ARG C 281 -5.61 -34.26 -37.09
N ALA C 282 -4.78 -33.21 -37.15
CA ALA C 282 -3.37 -33.38 -36.88
C ALA C 282 -3.24 -33.81 -35.43
N ILE C 283 -4.16 -33.34 -34.59
CA ILE C 283 -4.15 -33.68 -33.17
C ILE C 283 -4.74 -35.06 -32.93
N THR C 284 -5.94 -35.30 -33.43
CA THR C 284 -6.57 -36.59 -33.25
C THR C 284 -5.64 -37.71 -33.70
N GLU C 285 -4.71 -37.42 -34.61
CA GLU C 285 -3.76 -38.43 -35.05
C GLU C 285 -2.61 -38.58 -34.05
N ALA C 286 -2.96 -38.52 -32.76
CA ALA C 286 -2.04 -38.64 -31.63
C ALA C 286 -0.58 -38.46 -32.04
N LEU D 13 30.02 1.08 -36.34
CA LEU D 13 28.89 0.99 -35.38
C LEU D 13 28.73 2.27 -34.55
N GLN D 14 27.98 3.22 -35.09
CA GLN D 14 27.72 4.50 -34.43
C GLN D 14 26.46 4.45 -33.60
N LEU D 15 26.58 4.84 -32.34
CA LEU D 15 25.44 4.87 -31.42
C LEU D 15 25.02 6.27 -30.97
N THR D 16 23.74 6.57 -31.12
CA THR D 16 23.18 7.85 -30.68
C THR D 16 22.16 7.49 -29.63
N LEU D 17 22.30 8.04 -28.45
CA LEU D 17 21.39 7.79 -27.35
C LEU D 17 20.56 9.04 -27.07
N TYR D 18 19.24 8.95 -27.27
CA TYR D 18 18.36 10.10 -26.99
C TYR D 18 17.95 9.84 -25.55
N GLN D 19 18.16 10.81 -24.67
CA GLN D 19 17.87 10.58 -23.26
C GLN D 19 17.48 11.77 -22.41
N TYR D 20 17.23 11.48 -21.14
CA TYR D 20 16.95 12.46 -20.11
C TYR D 20 18.06 12.01 -19.17
N LYS D 21 19.13 12.78 -19.07
CA LYS D 21 20.26 12.39 -18.24
C LYS D 21 19.96 11.91 -16.82
N THR D 22 19.14 12.66 -16.09
CA THR D 22 18.81 12.29 -14.73
C THR D 22 17.70 11.24 -14.60
N CYS D 23 17.24 10.74 -15.74
CA CYS D 23 16.22 9.71 -15.80
C CYS D 23 16.88 8.33 -15.65
N PRO D 24 16.46 7.55 -14.65
CA PRO D 24 17.04 6.22 -14.42
C PRO D 24 17.12 5.31 -15.63
N PHE D 25 16.07 5.29 -16.45
CA PHE D 25 16.09 4.43 -17.63
C PHE D 25 17.24 4.78 -18.57
N CYS D 26 17.63 6.05 -18.58
CA CYS D 26 18.72 6.47 -19.44
C CYS D 26 20.03 6.23 -18.72
N SER D 27 20.07 6.51 -17.43
CA SER D 27 21.27 6.28 -16.64
C SER D 27 21.64 4.81 -16.84
N LYS D 28 20.64 3.96 -16.95
CA LYS D 28 20.93 2.55 -17.16
C LYS D 28 21.69 2.35 -18.47
N VAL D 29 21.14 2.87 -19.57
CA VAL D 29 21.81 2.66 -20.83
C VAL D 29 23.21 3.19 -20.82
N ARG D 30 23.43 4.32 -20.16
CA ARG D 30 24.77 4.90 -20.09
C ARG D 30 25.72 4.03 -19.28
N ALA D 31 25.23 3.53 -18.16
CA ALA D 31 26.06 2.67 -17.33
C ALA D 31 26.56 1.53 -18.20
N PHE D 32 25.68 1.02 -19.05
CA PHE D 32 26.05 -0.09 -19.91
C PHE D 32 27.06 0.33 -20.98
N LEU D 33 26.72 1.32 -21.78
CA LEU D 33 27.65 1.75 -22.80
C LEU D 33 28.99 2.13 -22.19
N ASP D 34 28.95 2.90 -21.10
CA ASP D 34 30.18 3.31 -20.44
C ASP D 34 31.03 2.10 -20.06
N PHE D 35 30.43 1.09 -19.43
CA PHE D 35 31.18 -0.07 -19.02
C PHE D 35 31.72 -0.92 -20.15
N HIS D 36 31.01 -0.95 -21.28
CA HIS D 36 31.45 -1.75 -22.41
C HIS D 36 32.21 -0.86 -23.36
N ALA D 37 32.72 0.23 -22.80
CA ALA D 37 33.48 1.23 -23.53
C ALA D 37 33.02 1.37 -24.97
N LEU D 38 31.71 1.48 -25.16
CA LEU D 38 31.17 1.65 -26.50
C LEU D 38 31.05 3.15 -26.77
N PRO D 39 31.57 3.60 -27.91
CA PRO D 39 31.47 5.04 -28.20
C PRO D 39 30.05 5.38 -28.66
N TYR D 40 29.51 6.46 -28.11
CA TYR D 40 28.16 6.88 -28.46
C TYR D 40 27.96 8.37 -28.27
N GLN D 41 27.04 8.93 -29.02
CA GLN D 41 26.72 10.34 -28.86
C GLN D 41 25.39 10.43 -28.14
N VAL D 42 25.23 11.46 -27.32
CA VAL D 42 23.98 11.62 -26.62
C VAL D 42 23.30 12.89 -27.09
N VAL D 43 22.01 12.80 -27.36
CA VAL D 43 21.27 13.99 -27.73
C VAL D 43 20.24 14.10 -26.62
N GLU D 44 20.41 15.11 -25.79
CA GLU D 44 19.53 15.36 -24.66
C GLU D 44 18.14 15.74 -25.18
N VAL D 45 17.12 15.09 -24.66
CA VAL D 45 15.77 15.39 -25.10
C VAL D 45 15.11 16.43 -24.18
N ASN D 46 14.44 17.41 -24.80
CA ASN D 46 13.72 18.44 -24.06
C ASN D 46 12.46 17.76 -23.52
N PRO D 47 12.38 17.55 -22.20
CA PRO D 47 11.22 16.89 -21.60
C PRO D 47 9.85 17.54 -21.83
N VAL D 48 9.84 18.81 -22.19
CA VAL D 48 8.57 19.48 -22.42
C VAL D 48 8.10 19.37 -23.87
N LEU D 49 8.95 19.75 -24.82
CA LEU D 49 8.56 19.69 -26.23
C LEU D 49 8.96 18.39 -26.92
N ARG D 50 9.99 17.73 -26.39
CA ARG D 50 10.46 16.45 -26.91
C ARG D 50 10.67 16.45 -28.42
N ALA D 51 11.07 17.58 -28.96
CA ALA D 51 11.29 17.68 -30.40
C ALA D 51 12.33 16.69 -30.95
N GLU D 52 13.44 16.56 -30.24
CA GLU D 52 14.52 15.71 -30.72
C GLU D 52 14.12 14.25 -30.86
N ILE D 53 12.93 13.91 -30.39
CA ILE D 53 12.42 12.55 -30.47
C ILE D 53 11.36 12.41 -31.55
N LYS D 54 10.88 13.55 -32.06
CA LYS D 54 9.88 13.53 -33.13
C LYS D 54 10.59 12.98 -34.36
N PHE D 55 10.42 11.68 -34.58
CA PHE D 55 11.01 10.96 -35.70
C PHE D 55 10.77 9.53 -35.36
N SER D 56 10.56 9.30 -34.06
CA SER D 56 10.31 7.96 -33.52
C SER D 56 8.84 7.78 -33.22
N SER D 57 8.28 6.68 -33.71
CA SER D 57 6.89 6.37 -33.44
C SER D 57 6.80 5.88 -32.00
N TYR D 58 7.95 5.53 -31.44
CA TYR D 58 8.06 5.07 -30.06
C TYR D 58 8.19 6.34 -29.25
N ARG D 59 7.23 6.57 -28.36
CA ARG D 59 7.19 7.79 -27.58
C ARG D 59 7.85 7.84 -26.21
N LYS D 60 8.78 6.94 -25.93
CA LYS D 60 9.43 7.00 -24.62
C LYS D 60 10.94 7.12 -24.76
N VAL D 61 11.60 7.77 -23.82
CA VAL D 61 13.04 7.87 -23.87
C VAL D 61 13.49 7.03 -22.69
N PRO D 62 14.69 6.41 -22.77
CA PRO D 62 15.65 6.45 -23.86
C PRO D 62 15.31 5.66 -25.10
N ILE D 63 15.89 6.11 -26.21
CA ILE D 63 15.76 5.47 -27.51
C ILE D 63 17.21 5.51 -27.97
N LEU D 64 17.67 4.48 -28.67
CA LEU D 64 19.04 4.49 -29.16
C LEU D 64 19.08 3.95 -30.57
N VAL D 65 19.50 4.78 -31.52
CA VAL D 65 19.61 4.29 -32.90
C VAL D 65 21.07 3.89 -33.17
N ALA D 66 21.25 2.70 -33.72
CA ALA D 66 22.58 2.23 -34.04
C ALA D 66 22.74 2.27 -35.56
N GLN D 67 23.88 2.75 -36.03
CA GLN D 67 24.15 2.82 -37.46
C GLN D 67 25.39 2.09 -37.91
N GLU D 68 25.25 1.37 -39.02
CA GLU D 68 26.34 0.62 -39.63
C GLU D 68 26.41 1.20 -41.02
N GLY D 69 27.07 2.34 -41.14
CA GLY D 69 27.18 2.99 -42.43
C GLY D 69 25.81 3.33 -42.98
N GLU D 70 25.33 2.51 -43.89
CA GLU D 70 24.04 2.73 -44.52
C GLU D 70 22.88 2.23 -43.65
N SER D 71 23.05 1.05 -43.06
CA SER D 71 22.01 0.46 -42.21
C SER D 71 21.86 1.25 -40.92
N SER D 72 20.71 1.09 -40.29
CA SER D 72 20.43 1.76 -39.03
C SER D 72 19.13 1.21 -38.44
N GLN D 73 19.19 0.79 -37.19
CA GLN D 73 18.03 0.26 -36.52
C GLN D 73 17.80 1.01 -35.20
N GLN D 74 16.54 1.16 -34.84
CA GLN D 74 16.16 1.88 -33.62
C GLN D 74 15.88 0.91 -32.47
N LEU D 75 16.62 1.03 -31.36
CA LEU D 75 16.38 0.15 -30.23
C LEU D 75 15.56 0.98 -29.25
N ASN D 76 14.48 0.45 -28.70
CA ASN D 76 13.61 1.23 -27.82
C ASN D 76 13.61 1.10 -26.31
N ASP D 77 13.15 0.00 -25.75
CA ASP D 77 13.13 -0.04 -24.28
C ASP D 77 14.57 0.02 -23.74
N SER D 78 14.78 0.64 -22.58
CA SER D 78 16.14 0.73 -22.01
C SER D 78 16.79 -0.62 -21.73
N SER D 79 16.02 -1.58 -21.24
CA SER D 79 16.56 -2.91 -20.98
C SER D 79 16.73 -3.66 -22.30
N VAL D 80 15.88 -3.37 -23.28
CA VAL D 80 15.99 -4.02 -24.58
C VAL D 80 17.23 -3.53 -25.29
N ILE D 81 17.54 -2.25 -25.10
CA ILE D 81 18.71 -1.67 -25.74
C ILE D 81 19.93 -2.38 -25.19
N ILE D 82 19.98 -2.47 -23.88
CA ILE D 82 21.10 -3.12 -23.22
C ILE D 82 21.21 -4.59 -23.63
N SER D 83 20.09 -5.30 -23.71
CA SER D 83 20.13 -6.71 -24.07
C SER D 83 20.51 -6.91 -25.51
N ALA D 84 19.95 -6.07 -26.39
CA ALA D 84 20.27 -6.20 -27.80
C ALA D 84 21.77 -5.98 -27.97
N LEU D 85 22.23 -4.78 -27.60
CA LEU D 85 23.63 -4.39 -27.69
C LEU D 85 24.58 -5.39 -27.08
N LYS D 86 24.23 -5.90 -25.90
CA LYS D 86 25.07 -6.88 -25.23
C LYS D 86 25.21 -8.19 -26.02
N THR D 87 24.10 -8.80 -26.42
CA THR D 87 24.20 -10.04 -27.17
C THR D 87 24.96 -9.74 -28.45
N TYR D 88 24.85 -8.50 -28.90
CA TYR D 88 25.54 -8.08 -30.11
C TYR D 88 27.05 -8.17 -29.90
N LEU D 89 27.49 -7.62 -28.77
CA LEU D 89 28.91 -7.61 -28.44
C LEU D 89 29.51 -9.00 -28.28
N VAL D 90 28.71 -9.99 -27.91
CA VAL D 90 29.28 -11.31 -27.74
C VAL D 90 29.04 -12.27 -28.91
N SER D 91 27.91 -12.15 -29.58
CA SER D 91 27.56 -13.04 -30.68
C SER D 91 27.99 -12.50 -32.04
N GLY D 92 28.13 -11.17 -32.13
CA GLY D 92 28.51 -10.59 -33.40
C GLY D 92 27.39 -10.68 -34.42
N GLN D 93 26.29 -11.33 -34.06
CA GLN D 93 25.15 -11.46 -34.96
C GLN D 93 24.63 -10.07 -35.35
N PRO D 94 24.25 -9.87 -36.63
CA PRO D 94 23.76 -8.56 -37.07
C PRO D 94 22.61 -7.99 -36.23
N LEU D 95 22.84 -6.81 -35.68
CA LEU D 95 21.87 -6.11 -34.83
C LEU D 95 20.45 -6.00 -35.39
N GLU D 96 20.31 -5.91 -36.71
CA GLU D 96 18.99 -5.80 -37.32
C GLU D 96 18.18 -7.08 -37.09
N GLU D 97 18.88 -8.18 -36.83
CA GLU D 97 18.22 -9.46 -36.60
C GLU D 97 17.94 -9.66 -35.13
N ILE D 98 18.85 -9.16 -34.29
CA ILE D 98 18.72 -9.30 -32.84
C ILE D 98 17.52 -8.55 -32.23
N ILE D 99 17.26 -7.33 -32.68
CA ILE D 99 16.13 -6.57 -32.12
C ILE D 99 14.85 -7.29 -32.44
N THR D 100 14.96 -8.27 -33.33
CA THR D 100 13.83 -9.08 -33.74
C THR D 100 13.43 -10.05 -32.62
N TYR D 101 14.40 -10.43 -31.79
CA TYR D 101 14.16 -11.36 -30.69
C TYR D 101 13.60 -10.64 -29.46
N TYR D 102 13.36 -9.34 -29.57
CA TYR D 102 12.81 -8.57 -28.46
C TYR D 102 11.61 -7.81 -28.99
N PRO D 103 10.62 -8.55 -29.50
CA PRO D 103 9.38 -8.02 -30.07
C PRO D 103 8.59 -7.08 -29.18
N ALA D 104 8.06 -6.04 -29.80
CA ALA D 104 7.25 -5.07 -29.07
C ALA D 104 5.85 -5.70 -28.99
N MET D 105 5.42 -6.02 -27.77
CA MET D 105 4.11 -6.66 -27.58
C MET D 105 3.02 -5.71 -27.13
N LYS D 106 2.19 -5.30 -28.09
CA LYS D 106 1.08 -4.40 -27.82
C LYS D 106 -0.04 -5.19 -27.17
N ALA D 107 -0.84 -4.53 -26.33
CA ALA D 107 -1.95 -5.19 -25.65
C ALA D 107 -2.78 -4.10 -25.03
N VAL D 108 -4.10 -4.30 -24.98
CA VAL D 108 -4.95 -3.30 -24.37
C VAL D 108 -5.11 -3.51 -22.88
N ASN D 109 -4.75 -2.47 -22.14
CA ASN D 109 -4.80 -2.43 -20.68
C ASN D 109 -6.16 -2.87 -20.16
N ASP D 110 -6.17 -3.34 -18.91
CA ASP D 110 -7.41 -3.76 -18.27
C ASP D 110 -8.23 -2.50 -18.00
N GLN D 111 -7.61 -1.35 -18.24
CA GLN D 111 -8.26 -0.05 -18.05
C GLN D 111 -8.56 0.52 -19.43
N GLY D 112 -8.25 -0.26 -20.47
CA GLY D 112 -8.52 0.17 -21.83
C GLY D 112 -7.41 0.94 -22.52
N LYS D 113 -6.22 0.96 -21.91
CA LYS D 113 -5.09 1.69 -22.48
C LYS D 113 -4.13 0.80 -23.27
N GLU D 114 -3.72 1.27 -24.44
CA GLU D 114 -2.79 0.56 -25.33
C GLU D 114 -1.42 0.55 -24.65
N VAL D 115 -0.90 -0.61 -24.32
CA VAL D 115 0.41 -0.68 -23.68
C VAL D 115 1.34 -1.62 -24.40
N THR D 116 2.61 -1.25 -24.46
CA THR D 116 3.60 -2.05 -25.13
C THR D 116 4.65 -2.56 -24.18
N GLU D 117 4.83 -3.87 -24.13
CA GLU D 117 5.86 -4.44 -23.29
C GLU D 117 6.80 -5.16 -24.26
N PHE D 118 8.08 -5.26 -23.92
CA PHE D 118 9.00 -5.92 -24.82
C PHE D 118 9.36 -7.31 -24.36
N GLY D 119 9.02 -8.30 -25.20
CA GLY D 119 9.32 -9.68 -24.88
C GLY D 119 10.81 -10.01 -24.78
N ASN D 120 11.13 -10.96 -23.91
CA ASN D 120 12.49 -11.43 -23.68
C ASN D 120 13.46 -10.32 -23.29
N LYS D 121 12.90 -9.16 -22.94
CA LYS D 121 13.69 -7.98 -22.59
C LYS D 121 14.90 -8.22 -21.69
N TYR D 122 14.83 -9.16 -20.74
CA TYR D 122 15.94 -9.43 -19.84
C TYR D 122 16.74 -10.67 -20.19
N TRP D 123 16.60 -11.15 -21.41
CA TRP D 123 17.31 -12.35 -21.81
C TRP D 123 18.27 -12.13 -22.98
N LEU D 124 19.54 -12.49 -22.77
CA LEU D 124 20.55 -12.33 -23.81
C LEU D 124 20.41 -13.46 -24.83
N MET D 125 20.24 -13.10 -26.09
CA MET D 125 20.06 -14.10 -27.13
C MET D 125 21.41 -14.75 -27.48
N LEU D 126 21.92 -15.57 -26.56
CA LEU D 126 23.20 -16.24 -26.72
C LEU D 126 23.11 -17.77 -26.87
N ASN D 127 24.11 -18.37 -27.52
CA ASN D 127 24.15 -19.83 -27.65
C ASN D 127 25.05 -20.39 -26.54
N GLU D 128 25.09 -21.71 -26.39
CA GLU D 128 25.89 -22.35 -25.32
C GLU D 128 27.28 -21.75 -25.12
N LYS D 129 28.11 -21.78 -26.16
CA LYS D 129 29.46 -21.23 -26.05
C LYS D 129 29.40 -19.83 -25.47
N GLU D 130 28.75 -18.94 -26.21
CA GLU D 130 28.60 -17.55 -25.80
C GLU D 130 28.20 -17.39 -24.34
N ALA D 131 27.14 -18.07 -23.93
CA ALA D 131 26.68 -17.98 -22.55
C ALA D 131 27.80 -18.29 -21.57
N GLN D 132 28.43 -19.44 -21.75
CA GLN D 132 29.52 -19.87 -20.88
C GLN D 132 30.58 -18.79 -20.83
N GLN D 133 30.70 -18.07 -21.93
CA GLN D 133 31.66 -17.00 -22.00
C GLN D 133 31.29 -15.80 -21.14
N VAL D 134 30.00 -15.55 -20.93
CA VAL D 134 29.62 -14.40 -20.10
C VAL D 134 29.07 -14.73 -18.72
N TYR D 135 28.62 -15.96 -18.51
CA TYR D 135 28.05 -16.31 -17.20
C TYR D 135 28.78 -17.44 -16.48
N SER D 136 29.14 -18.46 -17.24
CA SER D 136 29.80 -19.62 -16.65
C SER D 136 29.03 -19.90 -15.34
N GLY D 137 27.84 -20.44 -15.52
CA GLY D 137 26.96 -20.75 -14.41
C GLY D 137 25.54 -20.51 -14.84
N LYS D 138 24.87 -21.58 -15.25
CA LYS D 138 23.48 -21.52 -15.69
C LYS D 138 22.62 -20.64 -14.76
N GLU D 139 22.78 -20.84 -13.45
CA GLU D 139 22.01 -20.06 -12.48
C GLU D 139 22.42 -18.61 -12.42
N ALA D 140 23.69 -18.33 -12.75
CA ALA D 140 24.17 -16.95 -12.74
C ALA D 140 23.45 -16.14 -13.81
N ARG D 141 23.02 -16.82 -14.86
CA ARG D 141 22.33 -16.14 -15.95
C ARG D 141 20.89 -15.77 -15.59
N THR D 142 20.16 -16.72 -15.00
CA THR D 142 18.78 -16.42 -14.62
C THR D 142 18.78 -15.44 -13.46
N GLU D 143 19.90 -15.37 -12.76
CA GLU D 143 20.02 -14.47 -11.62
C GLU D 143 20.01 -13.01 -12.07
N GLU D 144 20.85 -12.63 -13.04
CA GLU D 144 20.85 -11.23 -13.44
C GLU D 144 19.50 -10.90 -14.03
N MET D 145 18.91 -11.84 -14.75
CA MET D 145 17.59 -11.61 -15.30
C MET D 145 16.63 -11.20 -14.18
N LYS D 146 16.62 -11.94 -13.08
CA LYS D 146 15.75 -11.65 -11.95
C LYS D 146 16.06 -10.28 -11.34
N TRP D 147 17.33 -9.96 -11.17
CA TRP D 147 17.66 -8.68 -10.57
C TRP D 147 17.52 -7.50 -11.53
N ARG D 148 17.70 -7.78 -12.81
CA ARG D 148 17.56 -6.74 -13.80
C ARG D 148 16.11 -6.26 -13.68
N GLN D 149 15.18 -7.21 -13.71
CA GLN D 149 13.76 -6.90 -13.60
C GLN D 149 13.47 -6.22 -12.26
N TRP D 150 14.16 -6.67 -11.22
CA TRP D 150 13.97 -6.09 -9.90
C TRP D 150 14.38 -4.63 -9.93
N ALA D 151 15.45 -4.33 -10.65
CA ALA D 151 15.94 -2.97 -10.72
C ALA D 151 14.88 -1.99 -11.19
N ASP D 152 14.19 -2.29 -12.29
CA ASP D 152 13.20 -1.33 -12.70
C ASP D 152 11.74 -1.58 -12.36
N ASP D 153 11.45 -2.63 -11.61
CA ASP D 153 10.06 -2.86 -11.22
C ASP D 153 9.89 -2.55 -9.74
N TRP D 154 11.01 -2.42 -9.05
CA TRP D 154 10.94 -2.07 -7.65
C TRP D 154 11.91 -0.94 -7.28
N LEU D 155 13.18 -1.13 -7.56
CA LEU D 155 14.17 -0.11 -7.23
C LEU D 155 13.84 1.31 -7.74
N VAL D 156 13.51 1.45 -9.02
CA VAL D 156 13.24 2.79 -9.54
C VAL D 156 12.06 3.47 -8.87
N HIS D 157 11.04 2.71 -8.49
CA HIS D 157 9.86 3.29 -7.84
C HIS D 157 10.20 3.89 -6.47
N LEU D 158 11.42 3.67 -6.02
CA LEU D 158 11.86 4.21 -4.74
C LEU D 158 12.55 5.56 -4.92
N ILE D 159 12.83 5.94 -6.16
CA ILE D 159 13.52 7.20 -6.42
C ILE D 159 12.71 8.45 -6.18
N SER D 160 11.69 8.68 -7.00
CA SER D 160 10.87 9.88 -6.87
C SER D 160 10.43 10.15 -5.44
N PRO D 161 9.73 9.20 -4.82
CA PRO D 161 9.33 9.48 -3.44
C PRO D 161 10.48 9.85 -2.50
N ASN D 162 11.69 9.47 -2.87
CA ASN D 162 12.83 9.77 -2.02
C ASN D 162 13.50 11.10 -2.33
N VAL D 163 13.63 11.41 -3.61
CA VAL D 163 14.27 12.66 -4.03
C VAL D 163 13.28 13.82 -4.12
N TYR D 164 12.02 13.55 -3.81
CA TYR D 164 10.98 14.59 -3.83
C TYR D 164 10.15 14.48 -2.57
N ARG D 165 10.66 13.82 -1.54
CA ARG D 165 9.87 13.65 -0.32
C ARG D 165 9.70 14.91 0.46
N THR D 166 10.52 15.91 0.16
CA THR D 166 10.46 17.16 0.89
C THR D 166 10.56 18.33 -0.08
N PRO D 167 9.79 19.40 0.15
CA PRO D 167 9.84 20.54 -0.76
C PRO D 167 11.27 21.04 -1.06
N THR D 168 12.17 20.93 -0.10
CA THR D 168 13.54 21.34 -0.33
C THR D 168 14.20 20.37 -1.32
N GLU D 169 14.19 19.10 -0.97
CA GLU D 169 14.78 18.09 -1.83
C GLU D 169 14.13 18.18 -3.23
N ALA D 170 12.82 18.37 -3.25
CA ALA D 170 12.10 18.48 -4.50
C ALA D 170 12.74 19.57 -5.36
N LEU D 171 12.91 20.76 -4.78
CA LEU D 171 13.52 21.85 -5.51
C LEU D 171 14.94 21.47 -5.89
N ALA D 172 15.67 20.89 -4.95
CA ALA D 172 17.05 20.46 -5.21
C ALA D 172 17.12 19.50 -6.40
N SER D 173 16.15 18.59 -6.48
CA SER D 173 16.12 17.62 -7.56
C SER D 173 15.74 18.24 -8.89
N PHE D 174 14.69 19.05 -8.90
CA PHE D 174 14.25 19.65 -10.15
C PHE D 174 15.19 20.73 -10.64
N ASP D 175 16.02 21.22 -9.74
CA ASP D 175 17.00 22.22 -10.09
C ASP D 175 18.05 21.48 -10.89
N TYR D 176 18.41 20.33 -10.35
CA TYR D 176 19.39 19.42 -10.91
C TYR D 176 18.85 18.83 -12.22
N ILE D 177 17.54 18.93 -12.42
CA ILE D 177 16.91 18.43 -13.65
C ILE D 177 17.03 19.47 -14.75
N VAL D 178 16.64 20.71 -14.46
CA VAL D 178 16.72 21.80 -15.43
C VAL D 178 18.16 22.07 -15.87
N ARG D 179 19.07 22.12 -14.90
CA ARG D 179 20.48 22.34 -15.17
C ARG D 179 21.03 21.26 -16.09
N GLU D 180 20.86 20.01 -15.67
CA GLU D 180 21.33 18.84 -16.39
C GLU D 180 20.74 18.68 -17.79
N GLY D 181 19.40 18.60 -17.86
CA GLY D 181 18.72 18.41 -19.11
C GLY D 181 18.64 19.60 -20.06
N LYS D 182 17.73 19.50 -21.03
CA LYS D 182 17.54 20.53 -22.04
C LYS D 182 16.24 21.32 -21.88
N PHE D 183 16.35 22.50 -21.26
CA PHE D 183 15.22 23.39 -21.04
C PHE D 183 15.62 24.79 -21.49
N GLY D 184 14.73 25.49 -22.20
CA GLY D 184 15.05 26.85 -22.59
C GLY D 184 15.28 27.66 -21.31
N ALA D 185 15.87 28.85 -21.44
CA ALA D 185 16.14 29.68 -20.27
C ALA D 185 14.86 29.96 -19.46
N VAL D 186 13.75 30.16 -20.16
CA VAL D 186 12.46 30.45 -19.54
C VAL D 186 11.70 29.22 -19.04
N GLU D 187 11.56 28.20 -19.90
CA GLU D 187 10.87 26.98 -19.53
C GLU D 187 11.65 26.26 -18.44
N GLY D 188 12.80 26.84 -18.07
CA GLY D 188 13.62 26.26 -17.03
C GLY D 188 13.29 26.85 -15.67
N ALA D 189 13.39 28.19 -15.59
CA ALA D 189 13.09 28.90 -14.35
C ALA D 189 11.70 28.51 -13.86
N VAL D 190 10.73 28.53 -14.78
CA VAL D 190 9.37 28.16 -14.44
C VAL D 190 9.34 26.71 -14.01
N ALA D 191 9.80 25.83 -14.89
CA ALA D 191 9.83 24.39 -14.64
C ALA D 191 10.44 23.97 -13.30
N LYS D 192 11.41 24.74 -12.81
CA LYS D 192 12.03 24.39 -11.54
C LYS D 192 10.99 24.39 -10.42
N TYR D 193 10.21 25.46 -10.35
CA TYR D 193 9.19 25.59 -9.31
C TYR D 193 7.91 24.85 -9.63
N MET D 194 7.40 25.00 -10.85
CA MET D 194 6.20 24.29 -11.22
C MET D 194 6.54 22.80 -11.10
N GLY D 195 7.71 22.45 -11.60
CA GLY D 195 8.16 21.07 -11.58
C GLY D 195 8.29 20.46 -10.21
N ALA D 196 9.01 21.14 -9.33
CA ALA D 196 9.19 20.64 -7.98
C ALA D 196 7.83 20.52 -7.29
N ALA D 197 6.95 21.50 -7.51
CA ALA D 197 5.64 21.47 -6.90
C ALA D 197 4.89 20.25 -7.42
N ALA D 198 4.79 20.14 -8.73
CA ALA D 198 4.11 19.01 -9.34
C ALA D 198 4.69 17.71 -8.79
N MET D 199 6.00 17.53 -8.99
CA MET D 199 6.65 16.32 -8.51
C MET D 199 6.53 16.05 -7.02
N TYR D 200 6.52 17.09 -6.19
CA TYR D 200 6.41 16.88 -4.76
C TYR D 200 5.07 16.20 -4.46
N LEU D 201 4.00 16.76 -5.03
CA LEU D 201 2.65 16.25 -4.85
C LEU D 201 2.50 14.90 -5.50
N ILE D 202 2.95 14.80 -6.75
CA ILE D 202 2.85 13.56 -7.49
C ILE D 202 3.59 12.40 -6.83
N SER D 203 4.72 12.69 -6.22
CA SER D 203 5.46 11.63 -5.55
C SER D 203 4.65 11.09 -4.40
N LYS D 204 3.78 11.94 -3.84
CA LYS D 204 2.94 11.51 -2.73
C LYS D 204 2.06 10.37 -3.21
N ARG D 205 1.50 10.54 -4.40
CA ARG D 205 0.64 9.51 -4.97
C ARG D 205 1.46 8.26 -5.27
N LEU D 206 2.65 8.46 -5.82
CA LEU D 206 3.54 7.34 -6.13
C LEU D 206 3.87 6.60 -4.84
N LYS D 207 4.16 7.34 -3.77
CA LYS D 207 4.48 6.73 -2.49
C LYS D 207 3.38 5.76 -2.10
N SER D 208 2.14 6.21 -2.28
CA SER D 208 0.95 5.43 -1.95
C SER D 208 0.78 4.27 -2.93
N ARG D 209 0.52 4.62 -4.18
CA ARG D 209 0.30 3.63 -5.23
C ARG D 209 1.29 2.47 -5.27
N HIS D 210 2.54 2.71 -4.88
CA HIS D 210 3.55 1.66 -4.90
C HIS D 210 3.78 0.95 -3.57
N ARG D 211 2.89 1.17 -2.60
CA ARG D 211 2.99 0.51 -1.31
C ARG D 211 4.28 0.76 -0.54
N LEU D 212 4.76 2.00 -0.54
CA LEU D 212 5.98 2.32 0.21
C LEU D 212 5.67 2.68 1.66
N GLN D 213 6.62 2.41 2.56
CA GLN D 213 6.46 2.74 3.96
C GLN D 213 6.26 4.25 4.06
N ASP D 214 5.78 4.70 5.20
CA ASP D 214 5.57 6.11 5.40
C ASP D 214 6.93 6.79 5.28
N ASN D 215 7.94 6.20 5.94
CA ASN D 215 9.29 6.74 5.91
C ASN D 215 10.01 6.21 4.68
N VAL D 216 9.69 6.80 3.55
CA VAL D 216 10.23 6.47 2.25
C VAL D 216 11.72 6.08 2.21
N ARG D 217 12.51 6.62 3.12
CA ARG D 217 13.94 6.30 3.17
C ARG D 217 14.15 4.83 3.49
N GLU D 218 13.33 4.31 4.40
CA GLU D 218 13.42 2.93 4.82
C GLU D 218 13.21 1.92 3.70
N ASP D 219 12.38 2.25 2.72
CA ASP D 219 12.19 1.33 1.60
C ASP D 219 13.46 1.34 0.77
N LEU D 220 14.12 2.50 0.72
CA LEU D 220 15.36 2.64 -0.05
C LEU D 220 16.48 1.85 0.63
N TYR D 221 16.60 2.00 1.94
CA TYR D 221 17.64 1.32 2.70
C TYR D 221 17.47 -0.19 2.62
N GLU D 222 16.23 -0.65 2.70
CA GLU D 222 15.93 -2.06 2.64
C GLU D 222 16.31 -2.63 1.27
N ALA D 223 15.92 -1.92 0.21
CA ALA D 223 16.22 -2.34 -1.15
C ALA D 223 17.71 -2.49 -1.31
N ALA D 224 18.45 -1.55 -0.72
CA ALA D 224 19.89 -1.55 -0.81
C ALA D 224 20.46 -2.77 -0.12
N ASP D 225 20.01 -3.02 1.11
CA ASP D 225 20.49 -4.17 1.88
C ASP D 225 20.17 -5.46 1.14
N LYS D 226 18.97 -5.51 0.57
CA LYS D 226 18.53 -6.67 -0.18
C LYS D 226 19.56 -6.91 -1.28
N TRP D 227 19.97 -5.83 -1.94
CA TRP D 227 20.93 -5.94 -3.03
C TRP D 227 22.31 -6.38 -2.54
N VAL D 228 22.86 -5.70 -1.55
CA VAL D 228 24.19 -6.08 -1.07
C VAL D 228 24.16 -7.55 -0.63
N ALA D 229 23.11 -7.91 0.11
CA ALA D 229 22.96 -9.27 0.59
C ALA D 229 22.98 -10.22 -0.60
N ALA D 230 22.23 -9.89 -1.64
CA ALA D 230 22.15 -10.72 -2.84
C ALA D 230 23.55 -10.88 -3.43
N VAL D 231 24.28 -9.77 -3.55
CA VAL D 231 25.63 -9.83 -4.10
C VAL D 231 26.47 -10.75 -3.22
N GLY D 232 26.27 -10.64 -1.91
CA GLY D 232 27.01 -11.48 -0.99
C GLY D 232 28.41 -10.97 -0.71
N LYS D 233 29.15 -11.71 0.11
CA LYS D 233 30.52 -11.32 0.46
C LYS D 233 31.56 -12.19 -0.24
N ASP D 234 31.11 -13.05 -1.15
CA ASP D 234 32.01 -13.94 -1.88
C ASP D 234 32.34 -13.44 -3.28
N ARG D 235 31.90 -12.24 -3.63
CA ARG D 235 32.14 -11.68 -4.94
C ARG D 235 32.04 -10.17 -4.98
N PRO D 236 32.84 -9.52 -5.83
CA PRO D 236 32.84 -8.06 -5.95
C PRO D 236 31.47 -7.56 -6.40
N PHE D 237 30.97 -8.15 -7.48
CA PHE D 237 29.68 -7.81 -8.03
C PHE D 237 28.88 -9.08 -8.24
N MET D 238 27.59 -8.92 -8.56
CA MET D 238 26.76 -10.08 -8.81
C MET D 238 27.38 -10.81 -9.99
N GLY D 239 27.85 -10.04 -10.96
CA GLY D 239 28.50 -10.61 -12.12
C GLY D 239 29.80 -11.30 -11.73
N GLY D 240 30.11 -11.25 -10.44
CA GLY D 240 31.30 -11.88 -9.92
C GLY D 240 32.58 -11.07 -10.03
N GLN D 241 33.47 -11.49 -10.92
CA GLN D 241 34.74 -10.82 -11.11
C GLN D 241 34.53 -9.40 -11.59
N LYS D 242 33.78 -9.27 -12.68
CA LYS D 242 33.42 -7.98 -13.27
C LYS D 242 31.89 -7.87 -13.11
N PRO D 243 31.33 -6.66 -13.29
CA PRO D 243 29.89 -6.45 -13.17
C PRO D 243 29.12 -7.02 -14.34
N ASN D 244 27.92 -7.55 -14.09
CA ASN D 244 27.10 -8.04 -15.20
C ASN D 244 25.93 -7.05 -15.38
N LEU D 245 25.01 -7.37 -16.27
CA LEU D 245 23.88 -6.50 -16.52
C LEU D 245 23.09 -6.11 -15.24
N ALA D 246 23.07 -7.01 -14.25
CA ALA D 246 22.35 -6.71 -13.02
C ALA D 246 23.04 -5.58 -12.25
N ASP D 247 24.36 -5.68 -12.08
CA ASP D 247 25.12 -4.66 -11.37
C ASP D 247 24.93 -3.34 -12.08
N LEU D 248 25.06 -3.37 -13.40
CA LEU D 248 24.90 -2.16 -14.17
C LEU D 248 23.49 -1.59 -14.03
N ALA D 249 22.50 -2.47 -13.89
CA ALA D 249 21.11 -2.03 -13.74
C ALA D 249 20.87 -1.31 -12.40
N VAL D 250 21.22 -1.94 -11.30
CA VAL D 250 21.02 -1.34 -10.00
C VAL D 250 21.82 -0.05 -9.91
N TYR D 251 23.08 -0.12 -10.31
CA TYR D 251 23.96 1.06 -10.30
C TYR D 251 23.33 2.16 -11.15
N GLY D 252 23.02 1.82 -12.41
CA GLY D 252 22.40 2.79 -13.30
C GLY D 252 21.18 3.45 -12.69
N VAL D 253 20.35 2.66 -12.02
CA VAL D 253 19.16 3.20 -11.41
C VAL D 253 19.52 4.14 -10.24
N LEU D 254 20.37 3.69 -9.34
CA LEU D 254 20.75 4.51 -8.21
C LEU D 254 21.54 5.79 -8.53
N ARG D 255 22.38 5.76 -9.57
CA ARG D 255 23.20 6.92 -9.90
C ARG D 255 22.42 8.19 -10.06
N VAL D 256 21.31 8.09 -10.78
CA VAL D 256 20.44 9.24 -11.02
C VAL D 256 20.26 10.15 -9.81
N MET D 257 20.43 9.61 -8.62
CA MET D 257 20.27 10.42 -7.41
C MET D 257 21.57 11.06 -6.91
N GLU D 258 22.68 10.76 -7.57
CA GLU D 258 23.96 11.33 -7.15
C GLU D 258 23.82 12.85 -7.06
N GLY D 259 24.27 13.40 -5.95
CA GLY D 259 24.17 14.83 -5.76
C GLY D 259 22.98 15.20 -4.89
N LEU D 260 22.02 14.29 -4.77
CA LEU D 260 20.85 14.57 -3.95
C LEU D 260 20.94 14.02 -2.53
N ASP D 261 20.13 14.56 -1.63
CA ASP D 261 20.13 14.12 -0.25
C ASP D 261 19.90 12.63 -0.14
N ALA D 262 18.92 12.14 -0.88
CA ALA D 262 18.58 10.72 -0.83
C ALA D 262 19.81 9.87 -1.05
N PHE D 263 20.68 10.27 -1.97
CA PHE D 263 21.88 9.51 -2.24
C PHE D 263 22.84 9.48 -1.05
N ASP D 264 23.13 10.64 -0.47
CA ASP D 264 24.02 10.63 0.68
C ASP D 264 23.40 9.77 1.78
N ASP D 265 22.10 9.92 2.02
CA ASP D 265 21.46 9.11 3.03
C ASP D 265 21.71 7.64 2.68
N LEU D 266 21.29 7.26 1.49
CA LEU D 266 21.47 5.89 1.01
C LEU D 266 22.86 5.39 1.32
N MET D 267 23.87 6.18 0.95
CA MET D 267 25.26 5.83 1.17
C MET D 267 25.66 5.72 2.63
N GLN D 268 25.15 6.63 3.46
CA GLN D 268 25.50 6.67 4.88
C GLN D 268 24.77 5.68 5.80
N HIS D 269 23.70 5.08 5.32
CA HIS D 269 22.96 4.14 6.16
C HIS D 269 22.78 2.74 5.59
N THR D 270 23.60 2.29 4.64
CA THR D 270 23.33 0.96 4.09
C THR D 270 24.41 -0.05 3.72
N HIS D 271 25.69 0.28 3.86
CA HIS D 271 26.74 -0.69 3.50
C HIS D 271 26.77 -0.98 2.00
N ILE D 272 26.06 -0.18 1.21
CA ILE D 272 26.03 -0.40 -0.23
C ILE D 272 27.10 0.41 -0.96
N GLN D 273 27.73 1.35 -0.26
CA GLN D 273 28.74 2.18 -0.90
C GLN D 273 29.92 1.41 -1.50
N PRO D 274 30.53 0.49 -0.73
CA PRO D 274 31.65 -0.24 -1.32
C PRO D 274 31.32 -0.87 -2.68
N TRP D 275 30.18 -1.54 -2.79
CA TRP D 275 29.82 -2.15 -4.08
C TRP D 275 29.63 -1.05 -5.14
N TYR D 276 28.96 0.03 -4.74
CA TYR D 276 28.69 1.13 -5.64
C TYR D 276 29.97 1.73 -6.21
N LEU D 277 30.92 2.04 -5.32
CA LEU D 277 32.19 2.62 -5.79
C LEU D 277 32.95 1.61 -6.65
N ARG D 278 32.79 0.34 -6.35
CA ARG D 278 33.45 -0.70 -7.11
C ARG D 278 32.97 -0.70 -8.56
N VAL D 279 31.67 -0.52 -8.77
CA VAL D 279 31.12 -0.47 -10.12
C VAL D 279 31.53 0.82 -10.81
N GLU D 280 31.49 1.91 -10.06
CA GLU D 280 31.87 3.20 -10.61
C GLU D 280 33.31 3.18 -11.12
N ARG D 281 34.22 2.60 -10.35
CA ARG D 281 35.60 2.55 -10.78
C ARG D 281 35.78 1.48 -11.86
N ALA D 282 34.97 0.44 -11.79
CA ALA D 282 35.06 -0.60 -12.79
C ALA D 282 34.71 0.02 -14.12
N ILE D 283 33.82 1.02 -14.08
CA ILE D 283 33.41 1.72 -15.29
C ILE D 283 34.46 2.72 -15.73
N THR D 284 34.84 3.64 -14.83
CA THR D 284 35.84 4.64 -15.18
C THR D 284 37.08 3.99 -15.79
N GLU D 285 37.32 2.72 -15.48
CA GLU D 285 38.47 2.03 -16.06
C GLU D 285 38.12 1.54 -17.46
N ALA D 286 37.41 2.38 -18.20
CA ALA D 286 36.97 2.11 -19.58
C ALA D 286 37.08 0.65 -19.98
CL CL E . 6.63 17.71 4.10
CHA HEM F . -5.36 23.54 10.14
CHB HEM F . -3.65 27.96 10.02
CHC HEM F . 0.01 26.50 7.37
CHD HEM F . -1.84 22.10 7.24
C1A HEM F . -5.24 24.87 10.29
C2A HEM F . -6.18 25.70 10.95
C3A HEM F . -5.68 26.96 10.93
C4A HEM F . -4.43 26.90 10.27
CMA HEM F . -6.34 28.22 11.50
CAA HEM F . -7.51 25.27 11.56
CBA HEM F . -8.67 25.54 10.56
CGA HEM F . -9.43 24.27 10.19
O1A HEM F . -9.00 23.17 10.46
O2A HEM F . -10.61 24.37 9.55
C1B HEM F . -2.46 27.92 9.35
C2B HEM F . -1.60 29.08 9.24
C3B HEM F . -0.54 28.71 8.51
C4B HEM F . -0.78 27.26 8.18
CMB HEM F . -1.86 30.45 9.83
CAB HEM F . 0.60 29.63 8.16
CBB HEM F . 1.65 29.28 7.45
C1C HEM F . -0.20 25.20 7.06
C2C HEM F . 0.59 24.46 6.14
C3C HEM F . 0.08 23.19 6.10
C4C HEM F . -1.04 23.18 7.02
CMC HEM F . 1.78 25.00 5.36
CAC HEM F . 0.57 22.02 5.28
CBC HEM F . 1.85 21.61 5.28
C1D HEM F . -2.92 22.13 8.11
C2D HEM F . -3.71 20.89 8.46
C3D HEM F . -4.66 21.29 9.29
C4D HEM F . -4.47 22.76 9.46
CMD HEM F . -3.45 19.49 7.95
CAD HEM F . -5.73 20.43 9.96
CBD HEM F . -5.17 19.82 11.27
CGD HEM F . -6.26 19.11 12.05
O1D HEM F . -6.96 18.27 11.52
O2D HEM F . -6.44 19.42 13.35
NA HEM F . -4.13 25.60 9.87
NB HEM F . -1.90 26.81 8.81
NC HEM F . -1.20 24.42 7.60
ND HEM F . -3.37 23.19 8.82
FE HEM F . -2.57 24.97 8.88
N1 GSH G . -2.60 18.31 15.99
CA1 GSH G . -1.32 18.92 15.67
C1 GSH G . -0.76 19.77 16.84
O11 GSH G . -1.51 20.05 17.77
O12 GSH G . 0.52 20.13 16.77
CB1 GSH G . -1.52 19.80 14.45
CG1 GSH G . -0.36 19.65 13.43
CD1 GSH G . -0.76 20.47 12.17
OE1 GSH G . -1.86 20.33 11.65
N2 GSH G . 0.22 21.31 11.73
CA2 GSH G . 0.17 21.91 10.40
C2 GSH G . 1.35 21.37 9.56
O2 GSH G . 2.53 21.58 9.87
CB2 GSH G . 0.30 23.43 10.46
SG2 GSH G . -1.20 24.27 11.05
N3 GSH G . 1.01 20.65 8.47
CA3 GSH G . 1.73 19.41 8.09
C3 GSH G . 0.74 18.40 7.52
O31 GSH G . 1.17 17.68 6.58
O32 GSH G . -0.42 18.33 8.01
CL CL H . -26.77 0.90 13.89
CHA HEM I . -13.52 -4.68 11.82
CHB HEM I . -14.96 -9.17 12.50
CHC HEM I . -19.50 -7.73 12.56
CHD HEM I . -18.09 -3.25 11.58
C1A HEM I . -13.52 -6.03 11.96
C2A HEM I . -12.38 -6.85 11.90
C3A HEM I . -12.78 -8.11 12.11
C4A HEM I . -14.19 -8.08 12.30
CMA HEM I . -11.89 -9.36 12.13
CAA HEM I . -10.95 -6.39 11.64
CBA HEM I . -10.61 -6.57 10.13
CGA HEM I . -10.19 -5.26 9.46
O1A HEM I . -10.40 -4.18 9.98
O2A HEM I . -9.58 -5.30 8.26
C1B HEM I . -16.33 -9.13 12.67
C2B HEM I . -17.07 -10.31 13.00
C3B HEM I . -18.36 -9.96 13.06
C4B HEM I . -18.37 -8.49 12.73
CMB HEM I . -16.50 -11.69 13.23
CAB HEM I . -19.48 -10.90 13.38
CBB HEM I . -20.77 -10.55 13.43
C1C HEM I . -19.51 -6.41 12.24
C2C HEM I . -20.69 -5.67 11.97
C3C HEM I . -20.32 -4.37 11.70
C4C HEM I . -18.87 -4.34 11.82
CMC HEM I . -22.11 -6.22 11.99
CAC HEM I . -21.20 -3.20 11.36
CBC HEM I . -22.24 -2.82 12.12
C1D HEM I . -16.70 -3.27 11.67
C2D HEM I . -15.88 -2.03 11.55
C3D HEM I . -14.61 -2.42 11.68
C4D HEM I . -14.65 -3.90 11.83
CMD HEM I . -16.41 -0.63 11.36
CAD HEM I . -13.35 -1.56 11.65
CBD HEM I . -13.03 -1.04 13.07
CGD HEM I . -11.70 -0.31 13.12
O1D HEM I . -11.45 0.58 12.31
O2D HEM I . -10.79 -0.62 14.06
NA HEM I . -14.67 -6.78 12.22
NB HEM I . -17.10 -8.03 12.61
NC HEM I . -18.40 -5.61 12.15
ND HEM I . -15.93 -4.34 11.94
FE HEM I . -16.54 -6.16 12.37
N1 GSH J . -12.43 0.32 18.48
CA1 GSH J . -13.66 -0.36 18.92
C1 GSH J . -13.42 -1.29 20.15
O11 GSH J . -12.26 -1.58 20.46
O12 GSH J . -14.50 -1.71 20.82
CB1 GSH J . -14.20 -1.20 17.75
CG1 GSH J . -15.74 -1.03 17.55
CD1 GSH J . -16.15 -1.83 16.26
OE1 GSH J . -15.58 -1.65 15.18
N2 GSH J . -17.16 -2.69 16.46
CA2 GSH J . -17.91 -3.22 15.31
C2 GSH J . -19.35 -2.68 15.35
O2 GSH J . -20.14 -2.92 16.28
CB2 GSH J . -18.00 -4.74 15.37
SG2 GSH J . -16.44 -5.52 14.90
N3 GSH J . -19.71 -1.93 14.30
CA3 GSH J . -20.54 -0.73 14.45
C3 GSH J . -20.09 0.34 13.47
O31 GSH J . -21.00 1.06 13.02
O32 GSH J . -18.86 0.43 13.17
CL CL K . -8.55 -16.42 -5.15
CHA HEM L . -10.50 -13.99 -19.46
CHB HEM L . -13.42 -17.69 -20.05
CHC HEM L . -13.55 -18.37 -15.35
CHD HEM L . -10.84 -14.48 -14.73
C1A HEM L . -11.30 -14.92 -20.02
C2A HEM L . -11.61 -15.00 -21.41
C3A HEM L . -12.44 -16.06 -21.58
C4A HEM L . -12.63 -16.63 -20.29
CMA HEM L . -13.03 -16.54 -22.89
CAA HEM L . -11.11 -14.05 -22.50
CBA HEM L . -12.19 -12.98 -22.81
CGA HEM L . -11.69 -11.55 -22.59
O1A HEM L . -10.66 -11.32 -21.97
O2A HEM L . -12.39 -10.53 -23.10
C1B HEM L . -13.62 -18.24 -18.81
C2B HEM L . -14.38 -19.46 -18.64
C3B HEM L . -14.43 -19.71 -17.33
C4B HEM L . -13.66 -18.57 -16.69
CMB HEM L . -15.00 -20.30 -19.75
CAB HEM L . -15.13 -20.88 -16.72
CBB HEM L . -15.18 -21.15 -15.42
C1C HEM L . -12.88 -17.33 -14.77
C2C HEM L . -12.84 -17.09 -13.37
C3C HEM L . -12.06 -15.98 -13.17
C4C HEM L . -11.62 -15.57 -14.48
CMC HEM L . -13.54 -17.92 -12.30
CAC HEM L . -11.72 -15.30 -11.88
CBC HEM L . -11.25 -15.97 -10.81
C1D HEM L . -10.45 -14.08 -15.98
C2D HEM L . -9.50 -12.96 -16.21
C3D HEM L . -9.35 -12.86 -17.52
C4D HEM L . -10.25 -13.90 -18.11
CMD HEM L . -8.82 -12.13 -15.15
CAD HEM L . -8.47 -11.88 -18.29
CBD HEM L . -7.05 -12.48 -18.46
CGD HEM L . -6.21 -11.63 -19.39
O1D HEM L . -6.03 -10.45 -19.15
O2D HEM L . -5.64 -12.19 -20.48
NA HEM L . -11.94 -15.93 -19.31
NB HEM L . -13.14 -17.78 -17.65
NC HEM L . -12.13 -16.41 -15.45
ND HEM L . -10.79 -14.66 -17.16
FE HEM L . -11.89 -16.28 -17.40
N1 GSH M . -2.28 -15.33 -18.86
CA1 GSH M . -2.71 -16.46 -18.03
C1 GSH M . -2.42 -17.85 -18.68
O11 GSH M . -2.10 -17.88 -19.87
O12 GSH M . -2.55 -18.92 -17.93
CB1 GSH M . -4.20 -16.31 -17.79
CG1 GSH M . -4.61 -16.57 -16.31
CD1 GSH M . -6.14 -16.30 -16.21
OE1 GSH M . -6.63 -15.23 -16.62
N2 GSH M . -6.86 -17.31 -15.63
CA2 GSH M . -8.21 -17.06 -15.11
C2 GSH M . -8.22 -17.24 -13.57
O2 GSH M . -8.01 -18.32 -13.01
CB2 GSH M . -9.21 -18.07 -15.69
SG2 GSH M . -9.63 -17.70 -17.43
N3 GSH M . -8.49 -16.11 -12.88
CA3 GSH M . -7.77 -15.78 -11.63
C3 GSH M . -7.60 -14.27 -11.55
O31 GSH M . -7.64 -13.78 -10.40
O32 GSH M . -7.42 -13.62 -12.61
CL CL N . 4.25 12.49 -26.99
CHA HEM O . 9.22 7.20 -14.27
CHB HEM O . 12.57 10.52 -13.81
CHC HEM O . 10.79 12.84 -17.55
CHD HEM O . 7.24 9.65 -17.85
C1A HEM O . 10.25 7.92 -13.81
C2A HEM O . 11.00 7.60 -12.65
C3A HEM O . 11.95 8.53 -12.52
C4A HEM O . 11.81 9.43 -13.61
CMA HEM O . 13.00 8.61 -11.42
CAA HEM O . 10.75 6.41 -11.71
CBA HEM O . 9.95 6.89 -10.47
CGA HEM O . 8.64 6.13 -10.30
O1A HEM O . 8.20 5.44 -11.19
O2A HEM O . 7.98 6.22 -9.13
C1B HEM O . 12.42 11.39 -14.86
C2B HEM O . 13.34 12.47 -15.09
C3B HEM O . 12.90 13.15 -16.16
C4B HEM O . 11.64 12.43 -16.57
CMB HEM O . 14.59 12.77 -14.27
CAB HEM O . 13.57 14.35 -16.74
CBB HEM O . 13.14 15.03 -17.80
C1C HEM O . 9.64 12.23 -17.92
C2C HEM O . 8.73 12.74 -18.89
C3C HEM O . 7.69 11.82 -19.00
C4C HEM O . 8.02 10.75 -18.07
CMC HEM O . 8.88 14.06 -19.65
CAC HEM O . 6.48 11.92 -19.87
CBC HEM O . 6.55 12.12 -21.20
C1D HEM O . 7.57 8.66 -16.94
C2D HEM O . 6.77 7.41 -16.81
C3D HEM O . 7.34 6.71 -15.85
C4D HEM O . 8.47 7.53 -15.36
CMD HEM O . 5.56 7.03 -17.64
CAD HEM O . 6.95 5.33 -15.31
CBD HEM O . 7.64 4.23 -16.16
CGD HEM O . 7.39 2.84 -15.55
O1D HEM O . 6.25 2.49 -15.26
O2D HEM O . 8.43 2.01 -15.34
NA HEM O . 10.74 9.05 -14.42
NB HEM O . 11.45 11.33 -15.80
NC HEM O . 9.20 11.01 -17.42
ND HEM O . 8.63 8.63 -16.11
FE HEM O . 10.08 9.94 -16.03
N1 GSH P . 10.48 0.79 -19.55
CA1 GSH P . 11.01 1.88 -20.38
C1 GSH P . 12.54 1.76 -20.61
O11 GSH P . 13.20 1.02 -19.86
O12 GSH P . 13.07 2.49 -21.60
CB1 GSH P . 10.69 3.22 -19.72
CG1 GSH P . 10.15 4.29 -20.73
CD1 GSH P . 9.78 5.58 -19.90
OE1 GSH P . 9.06 5.52 -18.90
N2 GSH P . 10.31 6.71 -20.38
CA2 GSH P . 9.76 8.01 -19.98
C2 GSH P . 9.15 8.69 -21.20
O2 GSH P . 9.83 9.02 -22.20
CB2 GSH P . 10.85 8.91 -19.47
SG2 GSH P . 11.41 8.41 -17.85
N3 GSH P . 7.84 8.93 -21.12
CA3 GSH P . 6.94 8.77 -22.27
C3 GSH P . 5.62 8.24 -21.80
O31 GSH P . 4.62 8.62 -22.44
O32 GSH P . 5.59 7.45 -20.82
#